data_8XXR
#
_entry.id   8XXR
#
_cell.length_a   1.00
_cell.length_b   1.00
_cell.length_c   1.00
_cell.angle_alpha   90.00
_cell.angle_beta   90.00
_cell.angle_gamma   90.00
#
_symmetry.space_group_name_H-M   'P 1'
#
loop_
_entity.id
_entity.type
_entity.pdbx_description
1 polymer 'C-X-C chemokine receptor type 2'
2 polymer 'Guanine nucleotide-binding protein G(o) subunit alpha'
3 polymer 'Guanine nucleotide-binding protein G(I)/G(S)/G(T) subunit beta-1'
4 polymer 'Guanine nucleotide-binding protein G(I)/G(S)/G(O) subunit gamma-2'
5 polymer 'Antibody fragment ScFv16'
#
loop_
_entity_poly.entity_id
_entity_poly.type
_entity_poly.pdbx_seq_one_letter_code
_entity_poly.pdbx_strand_id
1 'polypeptide(L)'
;MGKTIIALSYIFCLVFADYKDDDDAANFTPVNGSSGNQSVRLVTSSSLEVLFQGPGSEDFNMESDSFEDFWKGEDLSNYS
YSSTLPPFLLDAAPCEPESLEINKYFVVIIYALVFLLSLLGNSLVMLVILYSRVGRSVTDVYLLNLALADLLFALTLPIW
AASKVNGWIFGTFLCKVVSLLKEVNFYSGILLLACISVDRYLAIVHATRTLTQKRYLVKFICLSIWGLSLLLALPVLLFR
RTVYSSNVSPACYEDMGNNTANWRMLLRILPQSFGFIVPLLIMLFCYGFTLRTLFKAHMGQKHRAMRVIFAVVLIFLLCW
LPYNLVLLADTLMRTQVIQETCERRNHIDRALDATEILGILHSCLNPLIYAFIGQKFRHGLLKILAIHGLISKDSLPKDS
RPSFVGSSSGHTSTTL
;
R
2 'polypeptide(L)'
;MGHHHHHHENLYFQGTLSAEERAALERSKAIEKNLKEDGISAAKDVKLLLLGADNSGKSTIVKQMKIIHGGSGGSGGTTG
IVETHFTFKNLHFRLFDVGGQRSERKKWIHCFEDVTAIIFCVDLSDYNRMHESLMLFDSICNNKFFIDTSIILFLNKKDL
FGEKIKKSPLTICFPEYTGPNTYEDAAAYIQAQFESKNRSPNKEIYCHMTCATDTNNAQVIFDAVTDIIIANNLRGCGLY
;
A
3 'polypeptide(L)'
;MHHHHHHGSSGSELDQLRQEAEQLKNQIRDARKACADATLSQITNNIDPVGRIQMRTRRTLRGHLAKIYAMHWGTDSRLL
VSASQDGKLIIWDSYTTNKVHAIPLRSSWVMTCAYAPSGNYVACGGLDNICSIYNLKTREGNVRVSRELAGHTGYLSCCR
FLDDNQIVTSSGDTTCALWDIETGQQTTTFTGHTGDVMSLSLAPDTRLFVSGACDASAKLWDVREGMCRQTFTGHESDIN
AICFFPNGNAFATGSDDATCRLFDLRADQELMTYSHDNIICGITSVSFSKSGRLLLAGYDDFNCNVWDALKADRAGVLAG
HDNRVSCLGVTDDGMAVATGSWDSFLKIWN
;
B
4 'polypeptide(L)' MASNNTASIAQARKLVEQLKMEANIDRIKVSKAAADLMAYCEAHAKEDPLLTPVPASENPFREKKFFCAIL G
5 'polypeptide(L)'
;DVQLVESGGGLVQPGGSRKLSCSASGFAFSSFGMHWVRQAPEKGLEWVAYISSGSGTIYYADTVKGRFTISRDDPKNTLF
LQMTSLRSEDTAMYYCVRSIYYYGSSPFDFWGQGTTLTVSSGGGGSGGGGSGGGGSDIVMTQATSSVPVTPGESVSISCR
SSKSLLHSNGNTYLYWFLQRPGQSPQLLIYRMSNLASGVPDRFSGSGSGTAFTLTISRLEAEDVGVYYCMQHLEYPLTFG
AGTKLELK
;
S
#
# COMPACT_ATOMS: atom_id res chain seq x y z
N PRO A 94 1.26 64.45 -40.60
CA PRO A 94 1.55 63.38 -39.64
C PRO A 94 0.33 63.03 -38.78
N CYS A 95 0.36 61.84 -38.18
CA CYS A 95 -0.72 61.37 -37.32
C CYS A 95 -0.25 61.41 -35.87
N GLU A 96 -1.04 62.06 -35.01
CA GLU A 96 -0.69 62.20 -33.61
C GLU A 96 -1.44 61.17 -32.77
N PRO A 97 -0.75 60.25 -32.09
CA PRO A 97 -1.45 59.30 -31.23
C PRO A 97 -2.08 60.02 -30.04
N GLU A 98 -3.37 59.74 -29.81
CA GLU A 98 -4.15 60.41 -28.78
C GLU A 98 -4.47 59.44 -27.65
N SER A 99 -4.78 60.02 -26.49
CA SER A 99 -5.14 59.25 -25.31
C SER A 99 -5.97 60.13 -24.39
N LEU A 100 -6.66 59.47 -23.44
CA LEU A 100 -7.49 60.16 -22.47
C LEU A 100 -7.18 59.64 -21.08
N GLU A 101 -7.30 60.54 -20.09
CA GLU A 101 -7.05 60.16 -18.70
C GLU A 101 -8.17 59.28 -18.14
N ILE A 102 -9.39 59.45 -18.66
CA ILE A 102 -10.50 58.59 -18.24
C ILE A 102 -10.18 57.14 -18.55
N ASN A 103 -9.60 56.87 -19.72
CA ASN A 103 -9.21 55.51 -20.07
C ASN A 103 -8.17 54.97 -19.11
N LYS A 104 -7.18 55.79 -18.74
CA LYS A 104 -6.16 55.33 -17.81
C LYS A 104 -6.74 55.01 -16.44
N TYR A 105 -7.64 55.85 -15.95
CA TYR A 105 -8.28 55.59 -14.66
C TYR A 105 -9.12 54.31 -14.71
N PHE A 106 -9.87 54.13 -15.79
CA PHE A 106 -10.65 52.90 -15.97
C PHE A 106 -9.73 51.67 -15.95
N VAL A 107 -8.63 51.75 -16.70
CA VAL A 107 -7.70 50.63 -16.79
C VAL A 107 -7.14 50.28 -15.42
N VAL A 108 -6.71 51.30 -14.67
CA VAL A 108 -6.05 51.01 -13.40
C VAL A 108 -7.05 50.49 -12.37
N ILE A 109 -8.27 51.02 -12.36
CA ILE A 109 -9.28 50.52 -11.42
C ILE A 109 -9.60 49.06 -11.74
N ILE A 110 -9.79 48.74 -13.02
CA ILE A 110 -10.10 47.36 -13.39
C ILE A 110 -8.92 46.45 -13.06
N TYR A 111 -7.70 46.94 -13.25
CA TYR A 111 -6.52 46.15 -12.93
C TYR A 111 -6.45 45.84 -11.45
N ALA A 112 -6.73 46.84 -10.60
CA ALA A 112 -6.70 46.61 -9.16
C ALA A 112 -7.78 45.61 -8.74
N LEU A 113 -8.98 45.74 -9.30
CA LEU A 113 -10.06 44.81 -8.98
C LEU A 113 -9.69 43.38 -9.39
N VAL A 114 -9.14 43.23 -10.60
CA VAL A 114 -8.74 41.91 -11.08
C VAL A 114 -7.64 41.33 -10.19
N PHE A 115 -6.67 42.15 -9.81
CA PHE A 115 -5.60 41.70 -8.94
C PHE A 115 -6.15 41.16 -7.63
N LEU A 116 -7.04 41.94 -6.98
CA LEU A 116 -7.60 41.50 -5.71
C LEU A 116 -8.39 40.21 -5.86
N LEU A 117 -9.24 40.15 -6.90
CA LEU A 117 -10.09 38.97 -7.07
C LEU A 117 -9.26 37.72 -7.34
N SER A 118 -8.26 37.82 -8.22
CA SER A 118 -7.42 36.66 -8.53
C SER A 118 -6.62 36.24 -7.31
N LEU A 119 -6.05 37.20 -6.58
CA LEU A 119 -5.31 36.88 -5.38
C LEU A 119 -6.17 36.07 -4.41
N LEU A 120 -7.38 36.57 -4.12
CA LEU A 120 -8.25 35.89 -3.17
C LEU A 120 -8.63 34.50 -3.69
N GLY A 121 -9.04 34.40 -4.95
CA GLY A 121 -9.53 33.14 -5.47
C GLY A 121 -8.47 32.05 -5.47
N ASN A 122 -7.29 32.33 -6.03
CA ASN A 122 -6.21 31.30 -6.05
C ASN A 122 -5.63 31.09 -4.63
N SER A 123 -5.77 32.06 -3.71
CA SER A 123 -5.40 31.78 -2.33
C SER A 123 -6.31 30.71 -1.74
N LEU A 124 -7.63 30.85 -1.96
CA LEU A 124 -8.54 29.83 -1.45
C LEU A 124 -8.29 28.48 -2.12
N VAL A 125 -8.00 28.48 -3.42
CA VAL A 125 -7.78 27.22 -4.12
C VAL A 125 -6.58 26.47 -3.54
N MET A 126 -5.43 27.17 -3.41
CA MET A 126 -4.25 26.50 -2.86
C MET A 126 -4.45 26.10 -1.40
N LEU A 127 -5.12 26.94 -0.62
CA LEU A 127 -5.36 26.58 0.78
C LEU A 127 -6.18 25.29 0.88
N VAL A 128 -7.27 25.21 0.10
CA VAL A 128 -8.13 24.03 0.15
C VAL A 128 -7.37 22.80 -0.32
N ILE A 129 -6.57 22.94 -1.38
CA ILE A 129 -5.85 21.78 -1.92
C ILE A 129 -4.81 21.29 -0.92
N LEU A 130 -4.03 22.21 -0.35
CA LEU A 130 -2.86 21.83 0.43
C LEU A 130 -3.13 21.65 1.91
N TYR A 131 -4.33 21.96 2.40
CA TYR A 131 -4.59 21.75 3.81
C TYR A 131 -4.62 20.27 4.17
N SER A 132 -5.34 19.47 3.41
CA SER A 132 -5.50 18.04 3.70
C SER A 132 -5.10 17.23 2.48
N ARG A 133 -4.29 16.19 2.71
CA ARG A 133 -3.80 15.32 1.66
C ARG A 133 -4.66 14.09 1.44
N VAL A 134 -5.94 14.15 1.81
CA VAL A 134 -6.83 13.00 1.67
C VAL A 134 -7.34 12.96 0.23
N GLY A 135 -6.94 11.94 -0.51
CA GLY A 135 -7.36 11.80 -1.89
C GLY A 135 -6.76 12.82 -2.82
N ARG A 136 -5.43 12.75 -3.02
CA ARG A 136 -4.73 13.69 -3.89
C ARG A 136 -4.83 13.21 -5.33
N SER A 137 -5.97 13.50 -5.94
CA SER A 137 -6.22 13.10 -7.32
C SER A 137 -5.45 14.00 -8.29
N VAL A 138 -5.40 13.57 -9.55
CA VAL A 138 -4.68 14.30 -10.58
C VAL A 138 -5.32 15.66 -10.82
N THR A 139 -6.65 15.74 -10.72
CA THR A 139 -7.33 17.02 -10.90
C THR A 139 -6.85 18.04 -9.87
N ASP A 140 -6.58 17.59 -8.65
CA ASP A 140 -6.04 18.50 -7.64
C ASP A 140 -4.69 19.06 -8.06
N VAL A 141 -3.83 18.21 -8.64
CA VAL A 141 -2.52 18.67 -9.10
C VAL A 141 -2.69 19.71 -10.20
N TYR A 142 -3.55 19.42 -11.18
CA TYR A 142 -3.77 20.38 -12.27
C TYR A 142 -4.31 21.70 -11.74
N LEU A 143 -5.26 21.64 -10.81
CA LEU A 143 -5.86 22.85 -10.28
C LEU A 143 -4.87 23.64 -9.44
N LEU A 144 -4.02 22.96 -8.68
CA LEU A 144 -2.98 23.65 -7.92
C LEU A 144 -2.02 24.38 -8.85
N ASN A 145 -1.58 23.71 -9.92
CA ASN A 145 -0.67 24.35 -10.86
C ASN A 145 -1.32 25.55 -11.53
N LEU A 146 -2.59 25.40 -11.94
CA LEU A 146 -3.29 26.50 -12.59
C LEU A 146 -3.47 27.68 -11.65
N ALA A 147 -3.82 27.41 -10.39
CA ALA A 147 -3.98 28.48 -9.40
C ALA A 147 -2.64 29.17 -9.12
N LEU A 148 -1.55 28.40 -9.08
CA LEU A 148 -0.23 29.01 -8.89
C LEU A 148 0.10 29.95 -10.04
N ALA A 149 -0.15 29.51 -11.28
CA ALA A 149 0.13 30.35 -12.43
C ALA A 149 -0.69 31.64 -12.39
N ASP A 150 -1.99 31.51 -12.08
CA ASP A 150 -2.85 32.68 -12.01
C ASP A 150 -2.43 33.61 -10.88
N LEU A 151 -2.00 33.05 -9.75
CA LEU A 151 -1.56 33.86 -8.62
C LEU A 151 -0.32 34.67 -8.97
N LEU A 152 0.67 34.04 -9.62
CA LEU A 152 1.84 34.81 -10.03
C LEU A 152 1.50 35.85 -11.09
N PHE A 153 0.55 35.54 -11.98
CA PHE A 153 0.12 36.52 -12.97
C PHE A 153 -0.50 37.73 -12.29
N ALA A 154 -1.37 37.49 -11.31
CA ALA A 154 -1.93 38.59 -10.53
C ALA A 154 -0.83 39.35 -9.79
N LEU A 155 0.21 38.65 -9.33
CA LEU A 155 1.32 39.32 -8.68
C LEU A 155 2.01 40.31 -9.62
N THR A 156 2.21 39.91 -10.88
CA THR A 156 2.82 40.82 -11.84
C THR A 156 1.87 41.90 -12.36
N LEU A 157 0.55 41.72 -12.17
CA LEU A 157 -0.40 42.69 -12.71
C LEU A 157 -0.18 44.14 -12.24
N PRO A 158 0.02 44.44 -10.96
CA PRO A 158 0.13 45.86 -10.55
C PRO A 158 1.26 46.62 -11.20
N ILE A 159 2.38 45.97 -11.51
CA ILE A 159 3.46 46.65 -12.20
C ILE A 159 3.01 47.07 -13.59
N TRP A 160 2.26 46.20 -14.28
CA TRP A 160 1.68 46.58 -15.56
C TRP A 160 0.67 47.70 -15.41
N ALA A 161 -0.08 47.72 -14.30
CA ALA A 161 -0.99 48.84 -14.06
C ALA A 161 -0.24 50.16 -13.94
N ALA A 162 0.87 50.14 -13.21
CA ALA A 162 1.69 51.36 -13.10
C ALA A 162 2.29 51.74 -14.45
N SER A 163 2.66 50.74 -15.25
CA SER A 163 3.15 51.01 -16.59
C SER A 163 2.09 51.72 -17.43
N LYS A 164 0.85 51.24 -17.37
CA LYS A 164 -0.23 51.93 -18.06
C LYS A 164 -0.47 53.31 -17.47
N VAL A 165 -0.15 53.50 -16.20
CA VAL A 165 -0.25 54.84 -15.60
C VAL A 165 0.72 55.80 -16.26
N ASN A 166 2.00 55.42 -16.33
CA ASN A 166 3.00 56.40 -16.73
C ASN A 166 4.09 55.81 -17.62
N GLY A 167 3.80 54.75 -18.36
CA GLY A 167 4.82 54.12 -19.16
C GLY A 167 5.77 53.31 -18.29
N TRP A 168 6.84 52.81 -18.91
CA TRP A 168 7.84 52.04 -18.19
C TRP A 168 8.96 52.98 -17.75
N ILE A 169 8.86 53.47 -16.51
CA ILE A 169 9.90 54.27 -15.90
C ILE A 169 10.70 53.48 -14.87
N PHE A 170 10.52 52.16 -14.83
CA PHE A 170 11.06 51.32 -13.77
C PHE A 170 12.41 50.69 -14.13
N GLY A 171 12.91 50.94 -15.33
CA GLY A 171 14.20 50.41 -15.74
C GLY A 171 14.07 49.20 -16.67
N THR A 172 15.20 48.84 -17.27
CA THR A 172 15.21 47.75 -18.23
C THR A 172 15.17 46.38 -17.53
N PHE A 173 15.84 46.25 -16.38
CA PHE A 173 15.84 44.98 -15.67
C PHE A 173 14.44 44.60 -15.21
N LEU A 174 13.69 45.56 -14.67
CA LEU A 174 12.31 45.29 -14.27
C LEU A 174 11.45 44.96 -15.48
N CYS A 175 11.68 45.65 -16.60
CA CYS A 175 10.98 45.29 -17.83
C CYS A 175 11.21 43.83 -18.19
N LYS A 176 12.47 43.41 -18.22
CA LYS A 176 12.79 42.03 -18.57
C LYS A 176 12.11 41.05 -17.61
N VAL A 177 12.26 41.30 -16.30
CA VAL A 177 11.75 40.34 -15.32
C VAL A 177 10.23 40.24 -15.41
N VAL A 178 9.55 41.39 -15.40
CA VAL A 178 8.09 41.40 -15.38
C VAL A 178 7.54 40.79 -16.67
N SER A 179 8.10 41.18 -17.82
CA SER A 179 7.60 40.65 -19.09
C SER A 179 7.83 39.16 -19.19
N LEU A 180 9.02 38.68 -18.78
CA LEU A 180 9.29 37.25 -18.82
C LEU A 180 8.32 36.48 -17.94
N LEU A 181 8.10 36.95 -16.71
CA LEU A 181 7.20 36.25 -15.81
C LEU A 181 5.78 36.23 -16.36
N LYS A 182 5.32 37.36 -16.89
CA LYS A 182 3.96 37.43 -17.43
C LYS A 182 3.78 36.51 -18.62
N GLU A 183 4.75 36.50 -19.55
CA GLU A 183 4.64 35.63 -20.71
C GLU A 183 4.69 34.15 -20.31
N VAL A 184 5.57 33.81 -19.37
CA VAL A 184 5.66 32.43 -18.90
C VAL A 184 4.33 32.00 -18.30
N ASN A 185 3.74 32.86 -17.46
CA ASN A 185 2.47 32.51 -16.84
C ASN A 185 1.35 32.38 -17.85
N PHE A 186 1.31 33.27 -18.84
CA PHE A 186 0.27 33.18 -19.88
C PHE A 186 0.37 31.85 -20.63
N TYR A 187 1.58 31.51 -21.07
CA TYR A 187 1.78 30.25 -21.78
C TYR A 187 1.40 29.06 -20.90
N SER A 188 1.85 29.07 -19.64
CA SER A 188 1.60 27.95 -18.75
C SER A 188 0.12 27.78 -18.48
N GLY A 189 -0.60 28.90 -18.27
CA GLY A 189 -2.03 28.80 -18.04
C GLY A 189 -2.78 28.22 -19.21
N ILE A 190 -2.45 28.69 -20.42
CA ILE A 190 -3.16 28.17 -21.60
C ILE A 190 -2.87 26.69 -21.80
N LEU A 191 -1.59 26.30 -21.68
CA LEU A 191 -1.24 24.90 -21.86
C LEU A 191 -1.83 24.03 -20.75
N LEU A 192 -1.99 24.58 -19.55
CA LEU A 192 -2.62 23.82 -18.48
C LEU A 192 -4.11 23.61 -18.74
N LEU A 193 -4.77 24.61 -19.32
CA LEU A 193 -6.16 24.41 -19.74
C LEU A 193 -6.25 23.30 -20.79
N ALA A 194 -5.32 23.31 -21.75
CA ALA A 194 -5.31 22.25 -22.75
C ALA A 194 -5.10 20.88 -22.13
N CYS A 195 -4.17 20.78 -21.17
CA CYS A 195 -3.90 19.50 -20.52
C CYS A 195 -5.09 19.04 -19.68
N ILE A 196 -5.79 19.96 -19.03
CA ILE A 196 -6.99 19.59 -18.27
C ILE A 196 -8.05 19.03 -19.22
N SER A 197 -8.23 19.67 -20.38
CA SER A 197 -9.19 19.14 -21.35
C SER A 197 -8.78 17.76 -21.83
N VAL A 198 -7.49 17.54 -22.06
CA VAL A 198 -7.01 16.23 -22.46
C VAL A 198 -7.30 15.19 -21.39
N ASP A 199 -7.08 15.55 -20.12
CA ASP A 199 -7.35 14.63 -19.03
C ASP A 199 -8.84 14.27 -18.98
N ARG A 200 -9.72 15.25 -19.13
CA ARG A 200 -11.15 14.97 -19.12
C ARG A 200 -11.54 14.06 -20.28
N TYR A 201 -10.97 14.31 -21.47
CA TYR A 201 -11.26 13.46 -22.62
C TYR A 201 -10.84 12.03 -22.37
N LEU A 202 -9.62 11.83 -21.84
CA LEU A 202 -9.14 10.47 -21.58
C LEU A 202 -9.87 9.82 -20.41
N ALA A 203 -10.49 10.61 -19.54
CA ALA A 203 -11.17 10.04 -18.38
C ALA A 203 -12.62 9.68 -18.66
N ILE A 204 -13.30 10.37 -19.56
CA ILE A 204 -14.70 10.14 -19.82
C ILE A 204 -14.93 9.32 -21.08
N VAL A 205 -14.17 9.58 -22.14
CA VAL A 205 -14.35 8.81 -23.37
C VAL A 205 -13.66 7.45 -23.27
N HIS A 206 -12.34 7.45 -23.02
CA HIS A 206 -11.59 6.22 -22.84
C HIS A 206 -11.55 5.85 -21.36
N ALA A 207 -12.73 5.53 -20.83
CA ALA A 207 -12.86 5.25 -19.40
C ALA A 207 -12.73 3.76 -19.10
N THR A 208 -13.43 2.91 -19.86
CA THR A 208 -13.39 1.48 -19.60
C THR A 208 -12.09 0.84 -20.08
N ARG A 209 -11.51 1.36 -21.16
CA ARG A 209 -10.29 0.79 -21.70
C ARG A 209 -9.10 1.07 -20.78
N THR A 210 -7.97 0.46 -21.11
CA THR A 210 -6.75 0.60 -20.32
C THR A 210 -5.99 1.88 -20.62
N LEU A 211 -6.48 2.71 -21.54
CA LEU A 211 -5.83 3.98 -21.83
C LEU A 211 -5.87 4.92 -20.63
N THR A 212 -6.83 4.73 -19.72
CA THR A 212 -6.92 5.56 -18.52
C THR A 212 -5.73 5.37 -17.58
N GLN A 213 -4.93 4.33 -17.76
CA GLN A 213 -3.77 4.11 -16.91
C GLN A 213 -2.62 5.07 -17.24
N LYS A 214 -2.72 5.84 -18.33
CA LYS A 214 -1.63 6.68 -18.80
C LYS A 214 -1.69 8.11 -18.28
N ARG A 215 -2.67 8.45 -17.44
CA ARG A 215 -2.86 9.82 -16.97
C ARG A 215 -2.26 10.07 -15.59
N TYR A 216 -1.48 9.13 -15.06
CA TYR A 216 -0.87 9.26 -13.74
C TYR A 216 0.48 9.96 -13.79
N LEU A 217 0.78 10.67 -14.87
CA LEU A 217 2.07 11.32 -15.09
C LEU A 217 1.98 12.84 -14.95
N VAL A 218 1.07 13.31 -14.09
CA VAL A 218 0.74 14.73 -14.05
C VAL A 218 1.96 15.58 -13.68
N LYS A 219 2.81 15.07 -12.79
CA LYS A 219 4.01 15.82 -12.42
C LYS A 219 4.93 16.01 -13.63
N PHE A 220 5.12 14.95 -14.41
CA PHE A 220 6.00 15.02 -15.57
C PHE A 220 5.46 16.00 -16.61
N ILE A 221 4.18 15.90 -16.92
CA ILE A 221 3.60 16.79 -17.93
C ILE A 221 3.56 18.22 -17.43
N CYS A 222 3.35 18.43 -16.13
CA CYS A 222 3.40 19.78 -15.59
C CYS A 222 4.79 20.38 -15.71
N LEU A 223 5.82 19.60 -15.38
CA LEU A 223 7.19 20.08 -15.54
C LEU A 223 7.49 20.39 -16.99
N SER A 224 7.04 19.52 -17.90
CA SER A 224 7.24 19.76 -19.33
C SER A 224 6.55 21.05 -19.77
N ILE A 225 5.32 21.29 -19.27
CA ILE A 225 4.59 22.49 -19.65
C ILE A 225 5.30 23.74 -19.15
N TRP A 226 5.74 23.73 -17.89
CA TRP A 226 6.48 24.88 -17.36
C TRP A 226 7.75 25.13 -18.15
N GLY A 227 8.49 24.06 -18.48
CA GLY A 227 9.71 24.22 -19.24
C GLY A 227 9.47 24.76 -20.63
N LEU A 228 8.45 24.25 -21.32
CA LEU A 228 8.15 24.73 -22.67
C LEU A 228 7.67 26.17 -22.64
N SER A 229 6.89 26.55 -21.63
CA SER A 229 6.48 27.94 -21.49
C SER A 229 7.68 28.85 -21.27
N LEU A 230 8.60 28.45 -20.40
CA LEU A 230 9.81 29.25 -20.18
C LEU A 230 10.62 29.38 -21.47
N LEU A 231 10.78 28.27 -22.20
CA LEU A 231 11.54 28.33 -23.45
C LEU A 231 10.87 29.24 -24.47
N LEU A 232 9.54 29.17 -24.58
CA LEU A 232 8.83 30.01 -25.53
C LEU A 232 8.86 31.48 -25.14
N ALA A 233 8.94 31.78 -23.84
CA ALA A 233 8.99 33.16 -23.38
C ALA A 233 10.41 33.70 -23.24
N LEU A 234 11.42 32.86 -23.42
CA LEU A 234 12.81 33.33 -23.39
C LEU A 234 13.10 34.49 -24.35
N PRO A 235 12.59 34.52 -25.59
CA PRO A 235 12.82 35.70 -26.43
C PRO A 235 12.35 37.00 -25.79
N VAL A 236 11.31 36.94 -24.94
CA VAL A 236 10.88 38.13 -24.21
C VAL A 236 11.99 38.59 -23.27
N LEU A 237 12.59 37.66 -22.54
CA LEU A 237 13.67 38.03 -21.62
C LEU A 237 14.87 38.58 -22.40
N LEU A 238 15.21 37.96 -23.52
CA LEU A 238 16.44 38.31 -24.22
C LEU A 238 16.33 39.61 -25.00
N PHE A 239 15.18 39.89 -25.63
CA PHE A 239 15.05 41.01 -26.56
C PHE A 239 13.92 41.96 -26.13
N ARG A 240 13.93 42.39 -24.88
CA ARG A 240 13.03 43.43 -24.42
C ARG A 240 13.81 44.46 -23.60
N ARG A 241 13.62 45.73 -23.94
CA ARG A 241 14.30 46.81 -23.25
C ARG A 241 13.47 48.08 -23.38
N THR A 242 13.75 49.05 -22.51
CA THR A 242 13.07 50.33 -22.56
C THR A 242 13.48 51.09 -23.82
N VAL A 243 12.49 51.62 -24.54
CA VAL A 243 12.72 52.36 -25.78
C VAL A 243 12.18 53.77 -25.60
N TYR A 244 13.00 54.76 -25.94
CA TYR A 244 12.67 56.16 -25.76
C TYR A 244 12.28 56.79 -27.09
N SER A 245 11.37 57.78 -27.02
CA SER A 245 10.94 58.52 -28.19
C SER A 245 10.52 59.91 -27.76
N SER A 246 10.64 60.88 -28.67
CA SER A 246 10.30 62.26 -28.34
C SER A 246 8.80 62.43 -28.10
N ASN A 247 7.97 61.82 -28.95
CA ASN A 247 6.53 62.00 -28.88
C ASN A 247 5.81 60.87 -28.17
N VAL A 248 6.51 59.77 -27.85
CA VAL A 248 5.90 58.61 -27.21
C VAL A 248 6.54 58.41 -25.85
N SER A 249 5.71 58.21 -24.83
CA SER A 249 6.21 57.91 -23.50
C SER A 249 6.96 56.58 -23.52
N PRO A 250 7.99 56.43 -22.69
CA PRO A 250 8.78 55.19 -22.72
C PRO A 250 7.97 53.99 -22.25
N ALA A 251 8.28 52.84 -22.83
CA ALA A 251 7.55 51.62 -22.51
C ALA A 251 8.49 50.43 -22.64
N CYS A 252 8.14 49.35 -21.94
CA CYS A 252 8.92 48.12 -21.98
C CYS A 252 8.67 47.43 -23.32
N TYR A 253 9.42 47.82 -24.33
CA TYR A 253 9.22 47.42 -25.72
C TYR A 253 10.33 46.46 -26.14
N GLU A 254 10.35 46.10 -27.42
CA GLU A 254 11.36 45.18 -27.94
C GLU A 254 12.39 45.94 -28.77
N ASP A 255 13.62 45.44 -28.76
CA ASP A 255 14.73 46.07 -29.47
C ASP A 255 15.66 44.98 -29.98
N MET A 256 15.66 44.76 -31.29
CA MET A 256 16.58 43.82 -31.92
C MET A 256 17.23 44.36 -33.18
N GLY A 257 16.96 45.60 -33.56
CA GLY A 257 17.58 46.17 -34.75
C GLY A 257 16.78 47.34 -35.27
N ASN A 258 17.27 47.88 -36.39
CA ASN A 258 16.61 49.02 -37.02
C ASN A 258 15.29 48.62 -37.67
N ASN A 259 15.15 47.36 -38.07
CA ASN A 259 13.96 46.85 -38.73
C ASN A 259 13.10 46.05 -37.76
N THR A 260 13.01 46.51 -36.51
CA THR A 260 12.40 45.73 -35.44
C THR A 260 10.91 45.48 -35.66
N ALA A 261 10.23 46.30 -36.48
CA ALA A 261 8.80 46.12 -36.67
C ALA A 261 8.48 44.77 -37.30
N ASN A 262 9.16 44.42 -38.40
CA ASN A 262 8.91 43.14 -39.03
C ASN A 262 9.33 41.98 -38.14
N TRP A 263 10.38 42.18 -37.33
CA TRP A 263 10.78 41.13 -36.39
C TRP A 263 9.74 40.94 -35.29
N ARG A 264 9.08 42.02 -34.87
CA ARG A 264 7.95 41.90 -33.96
C ARG A 264 6.81 41.13 -34.60
N MET A 265 6.53 41.42 -35.87
CA MET A 265 5.48 40.68 -36.57
C MET A 265 5.82 39.19 -36.65
N LEU A 266 7.10 38.88 -36.87
CA LEU A 266 7.53 37.49 -36.87
C LEU A 266 7.39 36.85 -35.50
N LEU A 267 7.80 37.57 -34.45
CA LEU A 267 7.75 37.04 -33.10
C LEU A 267 6.32 36.84 -32.61
N ARG A 268 5.37 37.61 -33.17
CA ARG A 268 3.98 37.45 -32.78
C ARG A 268 3.42 36.10 -33.18
N ILE A 269 4.06 35.41 -34.14
CA ILE A 269 3.52 34.14 -34.61
C ILE A 269 3.54 33.06 -33.53
N LEU A 270 4.39 33.18 -32.52
CA LEU A 270 4.43 32.17 -31.47
C LEU A 270 3.26 32.29 -30.49
N PRO A 271 3.02 33.44 -29.85
CA PRO A 271 1.92 33.50 -28.87
C PRO A 271 0.54 33.26 -29.47
N GLN A 272 0.38 33.43 -30.78
CA GLN A 272 -0.92 33.18 -31.41
C GLN A 272 -1.04 31.78 -31.99
N SER A 273 0.04 30.99 -31.96
CA SER A 273 0.02 29.61 -32.45
C SER A 273 0.14 28.59 -31.34
N PHE A 274 1.12 28.75 -30.46
CA PHE A 274 1.23 27.93 -29.26
C PHE A 274 0.45 28.49 -28.09
N GLY A 275 -0.27 29.58 -28.29
CA GLY A 275 -1.05 30.19 -27.23
C GLY A 275 -2.54 30.21 -27.51
N PHE A 276 -2.92 30.17 -28.78
CA PHE A 276 -4.36 30.14 -29.04
C PHE A 276 -4.79 29.03 -29.99
N ILE A 277 -4.01 28.75 -31.03
CA ILE A 277 -4.49 27.83 -32.07
C ILE A 277 -4.44 26.40 -31.58
N VAL A 278 -3.27 25.93 -31.16
CA VAL A 278 -3.14 24.55 -30.67
C VAL A 278 -4.02 24.29 -29.45
N PRO A 279 -4.02 25.14 -28.42
CA PRO A 279 -4.93 24.86 -27.29
C PRO A 279 -6.40 24.89 -27.65
N LEU A 280 -6.81 25.78 -28.54
CA LEU A 280 -8.21 25.80 -28.96
C LEU A 280 -8.56 24.52 -29.71
N LEU A 281 -7.68 24.06 -30.59
CA LEU A 281 -7.94 22.81 -31.31
C LEU A 281 -8.03 21.64 -30.34
N ILE A 282 -7.11 21.57 -29.38
CA ILE A 282 -7.11 20.47 -28.41
C ILE A 282 -8.38 20.49 -27.59
N MET A 283 -8.75 21.66 -27.08
CA MET A 283 -9.96 21.77 -26.26
C MET A 283 -11.20 21.41 -27.06
N LEU A 284 -11.29 21.90 -28.30
CA LEU A 284 -12.45 21.60 -29.13
C LEU A 284 -12.58 20.10 -29.38
N PHE A 285 -11.49 19.47 -29.80
CA PHE A 285 -11.50 18.02 -30.05
C PHE A 285 -11.91 17.25 -28.80
N CYS A 286 -11.21 17.51 -27.68
CA CYS A 286 -11.43 16.75 -26.46
C CYS A 286 -12.85 16.93 -25.94
N TYR A 287 -13.32 18.17 -25.86
CA TYR A 287 -14.64 18.43 -25.29
C TYR A 287 -15.75 18.01 -26.24
N GLY A 288 -15.53 18.06 -27.55
CA GLY A 288 -16.53 17.52 -28.47
C GLY A 288 -16.70 16.02 -28.31
N PHE A 289 -15.59 15.29 -28.22
CA PHE A 289 -15.71 13.85 -28.02
C PHE A 289 -16.29 13.53 -26.64
N THR A 290 -15.93 14.31 -25.62
CA THR A 290 -16.50 14.10 -24.29
C THR A 290 -18.01 14.36 -24.29
N LEU A 291 -18.44 15.40 -25.00
CA LEU A 291 -19.87 15.69 -25.10
C LEU A 291 -20.60 14.58 -25.83
N ARG A 292 -20.00 14.04 -26.90
CA ARG A 292 -20.62 12.92 -27.60
C ARG A 292 -20.74 11.71 -26.68
N THR A 293 -19.70 11.41 -25.91
CA THR A 293 -19.76 10.28 -24.99
C THR A 293 -20.82 10.48 -23.92
N LEU A 294 -20.90 11.68 -23.34
CA LEU A 294 -21.92 11.96 -22.34
C LEU A 294 -23.33 11.88 -22.92
N PHE A 295 -23.50 12.32 -24.17
CA PHE A 295 -24.82 12.42 -24.76
C PHE A 295 -25.50 11.06 -24.88
N LYS A 296 -24.72 10.02 -25.22
CA LYS A 296 -25.26 8.68 -25.43
C LYS A 296 -25.17 7.80 -24.19
N ALA A 297 -25.26 8.40 -23.00
CA ALA A 297 -25.19 7.67 -21.75
C ALA A 297 -26.45 7.94 -20.92
N HIS A 298 -26.71 7.07 -19.94
CA HIS A 298 -27.96 7.07 -19.20
C HIS A 298 -27.77 7.36 -17.72
N MET A 299 -26.89 8.30 -17.38
CA MET A 299 -26.78 8.73 -15.99
C MET A 299 -27.95 9.66 -15.64
N GLY A 300 -27.94 10.15 -14.41
CA GLY A 300 -28.91 11.14 -13.99
C GLY A 300 -28.31 12.53 -13.88
N GLN A 301 -26.99 12.63 -14.05
CA GLN A 301 -26.27 13.88 -13.88
C GLN A 301 -25.46 14.22 -15.13
N LYS A 302 -26.01 13.90 -16.31
CA LYS A 302 -25.34 14.23 -17.56
C LYS A 302 -25.49 15.73 -17.89
N HIS A 303 -26.65 16.30 -17.58
CA HIS A 303 -26.94 17.67 -17.99
C HIS A 303 -25.99 18.66 -17.33
N ARG A 304 -25.69 18.48 -16.05
CA ARG A 304 -24.75 19.37 -15.38
C ARG A 304 -23.36 19.26 -15.99
N ALA A 305 -22.94 18.04 -16.35
CA ALA A 305 -21.64 17.87 -16.97
C ALA A 305 -21.55 18.62 -18.29
N MET A 306 -22.59 18.48 -19.14
CA MET A 306 -22.57 19.22 -20.40
C MET A 306 -22.61 20.72 -20.16
N ARG A 307 -23.39 21.18 -19.18
CA ARG A 307 -23.45 22.60 -18.88
C ARG A 307 -22.08 23.13 -18.46
N VAL A 308 -21.39 22.40 -17.59
CA VAL A 308 -20.07 22.85 -17.13
C VAL A 308 -19.08 22.88 -18.29
N ILE A 309 -19.10 21.85 -19.14
CA ILE A 309 -18.18 21.80 -20.28
C ILE A 309 -18.43 22.98 -21.21
N PHE A 310 -19.71 23.24 -21.53
CA PHE A 310 -20.04 24.34 -22.42
C PHE A 310 -19.66 25.67 -21.79
N ALA A 311 -19.87 25.82 -20.48
CA ALA A 311 -19.48 27.06 -19.82
C ALA A 311 -17.97 27.28 -19.89
N VAL A 312 -17.19 26.22 -19.68
CA VAL A 312 -15.74 26.35 -19.75
C VAL A 312 -15.31 26.79 -21.14
N VAL A 313 -15.86 26.15 -22.18
CA VAL A 313 -15.47 26.48 -23.54
C VAL A 313 -15.88 27.92 -23.87
N LEU A 314 -17.11 28.30 -23.51
CA LEU A 314 -17.59 29.65 -23.82
C LEU A 314 -16.77 30.71 -23.08
N ILE A 315 -16.41 30.44 -21.82
CA ILE A 315 -15.60 31.41 -21.08
C ILE A 315 -14.22 31.55 -21.71
N PHE A 316 -13.59 30.43 -22.10
CA PHE A 316 -12.28 30.53 -22.73
C PHE A 316 -12.37 31.34 -24.02
N LEU A 317 -13.39 31.07 -24.85
CA LEU A 317 -13.54 31.81 -26.10
C LEU A 317 -13.77 33.29 -25.82
N LEU A 318 -14.75 33.61 -24.98
CA LEU A 318 -15.06 35.00 -24.66
C LEU A 318 -13.84 35.72 -24.12
N CYS A 319 -13.00 35.02 -23.35
CA CYS A 319 -11.84 35.68 -22.75
C CYS A 319 -10.73 35.93 -23.76
N TRP A 320 -10.43 34.97 -24.63
CA TRP A 320 -9.20 35.07 -25.41
C TRP A 320 -9.38 35.32 -26.90
N LEU A 321 -10.59 35.15 -27.45
CA LEU A 321 -10.77 35.40 -28.88
C LEU A 321 -10.57 36.86 -29.27
N PRO A 322 -11.18 37.85 -28.60
CA PRO A 322 -11.01 39.24 -29.06
C PRO A 322 -9.56 39.72 -29.11
N TYR A 323 -8.74 39.31 -28.14
CA TYR A 323 -7.34 39.71 -28.13
C TYR A 323 -6.63 39.21 -29.37
N ASN A 324 -6.83 37.93 -29.70
CA ASN A 324 -6.17 37.35 -30.87
C ASN A 324 -6.70 37.97 -32.17
N LEU A 325 -8.00 38.26 -32.22
CA LEU A 325 -8.55 38.92 -33.42
C LEU A 325 -7.94 40.30 -33.60
N VAL A 326 -7.82 41.07 -32.52
CA VAL A 326 -7.23 42.41 -32.61
C VAL A 326 -5.77 42.31 -33.02
N LEU A 327 -5.03 41.34 -32.46
CA LEU A 327 -3.63 41.20 -32.82
C LEU A 327 -3.46 40.79 -34.29
N LEU A 328 -4.33 39.91 -34.78
CA LEU A 328 -4.28 39.55 -36.20
C LEU A 328 -4.59 40.75 -37.08
N ALA A 329 -5.56 41.58 -36.69
CA ALA A 329 -5.85 42.79 -37.45
C ALA A 329 -4.67 43.74 -37.44
N ASP A 330 -3.99 43.85 -36.29
CA ASP A 330 -2.80 44.71 -36.21
C ASP A 330 -1.70 44.20 -37.14
N THR A 331 -1.46 42.90 -37.13
CA THR A 331 -0.45 42.33 -38.03
C THR A 331 -0.84 42.55 -39.50
N LEU A 332 -2.13 42.47 -39.81
CA LEU A 332 -2.57 42.77 -41.17
C LEU A 332 -2.31 44.23 -41.52
N MET A 333 -2.53 45.14 -40.57
CA MET A 333 -2.27 46.55 -40.84
C MET A 333 -0.79 46.81 -41.08
N ARG A 334 0.08 46.24 -40.24
CA ARG A 334 1.52 46.44 -40.43
C ARG A 334 2.02 45.83 -41.73
N THR A 335 1.32 44.82 -42.27
CA THR A 335 1.66 44.23 -43.55
C THR A 335 1.07 45.01 -44.72
N GLN A 336 0.25 46.03 -44.44
CA GLN A 336 -0.41 46.88 -45.44
C GLN A 336 -1.43 46.11 -46.26
N VAL A 337 -1.88 44.95 -45.80
CA VAL A 337 -2.97 44.24 -46.47
C VAL A 337 -4.26 45.05 -46.35
N ILE A 338 -4.56 45.57 -45.17
CA ILE A 338 -5.71 46.41 -44.94
C ILE A 338 -5.26 47.87 -44.91
N GLN A 339 -6.03 48.74 -45.57
CA GLN A 339 -5.65 50.14 -45.68
C GLN A 339 -5.46 50.76 -44.30
N GLU A 340 -4.41 51.56 -44.16
CA GLU A 340 -4.00 52.12 -42.88
C GLU A 340 -4.33 53.61 -42.83
N THR A 341 -5.05 54.02 -41.78
CA THR A 341 -5.35 55.41 -41.53
C THR A 341 -5.12 55.70 -40.05
N CYS A 342 -4.90 56.99 -39.75
CA CYS A 342 -4.63 57.38 -38.36
C CYS A 342 -5.81 57.01 -37.46
N GLU A 343 -7.03 57.17 -37.95
CA GLU A 343 -8.20 56.75 -37.19
C GLU A 343 -8.18 55.25 -36.93
N ARG A 344 -7.80 54.46 -37.93
CA ARG A 344 -7.67 53.02 -37.73
C ARG A 344 -6.60 52.69 -36.71
N ARG A 345 -5.47 53.41 -36.75
CA ARG A 345 -4.41 53.20 -35.78
C ARG A 345 -4.90 53.47 -34.37
N ASN A 346 -5.62 54.58 -34.17
CA ASN A 346 -6.15 54.90 -32.85
C ASN A 346 -7.17 53.85 -32.41
N HIS A 347 -8.04 53.43 -33.33
CA HIS A 347 -9.07 52.44 -32.99
C HIS A 347 -8.44 51.14 -32.52
N ILE A 348 -7.46 50.64 -33.28
CA ILE A 348 -6.82 49.37 -32.91
C ILE A 348 -5.99 49.54 -31.64
N ASP A 349 -5.36 50.70 -31.46
CA ASP A 349 -4.58 50.93 -30.24
C ASP A 349 -5.46 50.90 -29.00
N ARG A 350 -6.66 51.48 -29.07
CA ARG A 350 -7.57 51.44 -27.93
C ARG A 350 -8.17 50.05 -27.75
N ALA A 351 -8.55 49.40 -28.85
CA ALA A 351 -9.15 48.07 -28.78
C ALA A 351 -8.17 47.04 -28.25
N LEU A 352 -6.87 47.22 -28.49
CA LEU A 352 -5.88 46.31 -27.96
C LEU A 352 -5.87 46.34 -26.44
N ASP A 353 -5.88 47.54 -25.85
CA ASP A 353 -5.93 47.65 -24.40
C ASP A 353 -7.24 47.09 -23.86
N ALA A 354 -8.35 47.39 -24.53
CA ALA A 354 -9.65 46.87 -24.07
C ALA A 354 -9.67 45.35 -24.07
N THR A 355 -9.18 44.74 -25.15
CA THR A 355 -9.17 43.29 -25.26
C THR A 355 -8.19 42.65 -24.29
N GLU A 356 -7.05 43.31 -24.04
CA GLU A 356 -6.12 42.80 -23.04
C GLU A 356 -6.76 42.79 -21.66
N ILE A 357 -7.47 43.87 -21.31
CA ILE A 357 -8.17 43.91 -20.02
C ILE A 357 -9.22 42.81 -19.95
N LEU A 358 -9.98 42.63 -21.03
CA LEU A 358 -11.00 41.58 -21.04
C LEU A 358 -10.39 40.20 -20.88
N GLY A 359 -9.29 39.93 -21.58
CA GLY A 359 -8.66 38.62 -21.54
C GLY A 359 -7.92 38.32 -20.26
N ILE A 360 -7.48 39.35 -19.53
CA ILE A 360 -6.82 39.12 -18.26
C ILE A 360 -7.75 38.43 -17.26
N LEU A 361 -9.06 38.55 -17.45
CA LEU A 361 -10.06 37.98 -16.54
C LEU A 361 -9.99 36.46 -16.43
N HIS A 362 -9.09 35.82 -17.20
CA HIS A 362 -8.95 34.38 -17.11
C HIS A 362 -8.48 33.95 -15.72
N SER A 363 -7.54 34.70 -15.13
CA SER A 363 -7.08 34.37 -13.79
C SER A 363 -8.17 34.58 -12.75
N CYS A 364 -9.08 35.54 -13.00
CA CYS A 364 -10.18 35.78 -12.06
C CYS A 364 -11.24 34.69 -12.17
N LEU A 365 -11.55 34.25 -13.38
CA LEU A 365 -12.63 33.31 -13.58
C LEU A 365 -12.21 31.85 -13.50
N ASN A 366 -10.90 31.56 -13.47
CA ASN A 366 -10.46 30.17 -13.37
C ASN A 366 -10.94 29.47 -12.10
N PRO A 367 -10.85 30.07 -10.89
CA PRO A 367 -11.31 29.35 -9.70
C PRO A 367 -12.77 28.93 -9.76
N LEU A 368 -13.67 29.91 -9.91
CA LEU A 368 -15.11 29.62 -9.87
C LEU A 368 -15.53 28.64 -10.96
N ILE A 369 -14.75 28.51 -12.03
CA ILE A 369 -15.11 27.66 -13.15
C ILE A 369 -14.53 26.26 -13.00
N TYR A 370 -13.29 26.14 -12.51
CA TYR A 370 -12.62 24.84 -12.43
C TYR A 370 -12.72 24.19 -11.07
N ALA A 371 -12.49 24.93 -9.99
CA ALA A 371 -12.40 24.33 -8.66
C ALA A 371 -13.74 24.35 -7.93
N PHE A 372 -14.29 25.54 -7.71
CA PHE A 372 -15.45 25.68 -6.85
C PHE A 372 -16.75 25.22 -7.50
N ILE A 373 -16.74 24.89 -8.79
CA ILE A 373 -17.94 24.42 -9.46
C ILE A 373 -18.28 22.98 -9.10
N GLY A 374 -17.36 22.26 -8.44
CA GLY A 374 -17.61 20.91 -8.00
C GLY A 374 -17.92 20.85 -6.52
N GLN A 375 -18.64 19.80 -6.12
CA GLN A 375 -19.04 19.66 -4.73
C GLN A 375 -17.87 19.31 -3.83
N LYS A 376 -16.84 18.66 -4.38
CA LYS A 376 -15.71 18.24 -3.55
C LYS A 376 -14.98 19.44 -2.96
N PHE A 377 -14.74 20.47 -3.76
CA PHE A 377 -13.99 21.62 -3.28
C PHE A 377 -14.80 22.46 -2.30
N ARG A 378 -16.10 22.61 -2.55
CA ARG A 378 -16.96 23.31 -1.60
C ARG A 378 -17.01 22.56 -0.27
N HIS A 379 -17.11 21.23 -0.32
CA HIS A 379 -17.10 20.43 0.90
C HIS A 379 -15.77 20.57 1.63
N GLY A 380 -14.66 20.58 0.89
CA GLY A 380 -13.37 20.78 1.52
C GLY A 380 -13.23 22.13 2.18
N LEU A 381 -13.71 23.18 1.52
CA LEU A 381 -13.67 24.52 2.12
C LEU A 381 -14.52 24.58 3.38
N LEU A 382 -15.72 23.99 3.33
CA LEU A 382 -16.57 23.98 4.51
C LEU A 382 -15.91 23.24 5.66
N LYS A 383 -15.27 22.10 5.36
CA LYS A 383 -14.54 21.37 6.39
C LYS A 383 -13.39 22.19 6.96
N ILE A 384 -12.67 22.91 6.09
CA ILE A 384 -11.55 23.74 6.53
C ILE A 384 -12.04 24.87 7.42
N LEU A 385 -13.27 25.37 7.19
CA LEU A 385 -13.79 26.47 7.98
C LEU A 385 -13.87 26.15 9.47
N ALA A 386 -13.90 24.87 9.83
CA ALA A 386 -13.91 24.47 11.24
C ALA A 386 -12.52 24.57 11.84
N THR B 16 24.07 -0.78 2.12
CA THR B 16 24.29 -0.88 0.69
C THR B 16 25.80 -0.96 0.44
N LEU B 17 26.57 -0.62 1.48
CA LEU B 17 28.02 -0.62 1.36
C LEU B 17 28.55 -2.02 1.07
N SER B 18 28.00 -3.04 1.73
CA SER B 18 28.47 -4.41 1.56
C SER B 18 27.96 -4.99 0.25
N ALA B 19 28.60 -6.10 -0.16
CA ALA B 19 28.18 -6.80 -1.37
C ALA B 19 26.86 -7.53 -1.15
N GLU B 20 26.73 -8.23 -0.03
CA GLU B 20 25.50 -8.96 0.26
C GLU B 20 24.33 -8.01 0.41
N GLU B 21 24.56 -6.84 1.00
CA GLU B 21 23.48 -5.86 1.10
C GLU B 21 23.11 -5.29 -0.27
N ARG B 22 24.08 -5.15 -1.17
CA ARG B 22 23.76 -4.75 -2.54
C ARG B 22 22.90 -5.79 -3.22
N ALA B 23 23.23 -7.08 -3.04
CA ALA B 23 22.42 -8.14 -3.63
C ALA B 23 21.02 -8.16 -3.03
N ALA B 24 20.91 -7.92 -1.72
CA ALA B 24 19.60 -7.84 -1.09
C ALA B 24 18.78 -6.69 -1.64
N LEU B 25 19.42 -5.54 -1.87
CA LEU B 25 18.73 -4.40 -2.47
C LEU B 25 18.27 -4.72 -3.89
N GLU B 26 19.10 -5.44 -4.65
CA GLU B 26 18.69 -5.86 -5.99
C GLU B 26 17.49 -6.79 -5.94
N ARG B 27 17.48 -7.73 -4.98
CA ARG B 27 16.35 -8.62 -4.81
C ARG B 27 15.09 -7.84 -4.44
N SER B 28 15.22 -6.85 -3.56
CA SER B 28 14.08 -6.02 -3.19
C SER B 28 13.54 -5.25 -4.39
N LYS B 29 14.44 -4.71 -5.22
CA LYS B 29 14.00 -4.00 -6.42
C LYS B 29 13.29 -4.92 -7.39
N ALA B 30 13.79 -6.15 -7.55
CA ALA B 30 13.11 -7.12 -8.41
C ALA B 30 11.72 -7.45 -7.87
N ILE B 31 11.60 -7.63 -6.56
CA ILE B 31 10.30 -7.91 -5.96
C ILE B 31 9.36 -6.72 -6.17
N GLU B 32 9.88 -5.50 -6.05
CA GLU B 32 9.06 -4.31 -6.28
C GLU B 32 8.57 -4.26 -7.73
N LYS B 33 9.45 -4.59 -8.68
CA LYS B 33 9.03 -4.61 -10.08
C LYS B 33 7.95 -5.65 -10.31
N ASN B 34 8.10 -6.84 -9.72
CA ASN B 34 7.09 -7.88 -9.85
C ASN B 34 5.76 -7.42 -9.26
N LEU B 35 5.80 -6.76 -8.10
CA LEU B 35 4.58 -6.26 -7.49
C LEU B 35 3.90 -5.22 -8.37
N LYS B 36 4.68 -4.30 -8.95
CA LYS B 36 4.10 -3.29 -9.81
C LYS B 36 3.48 -3.91 -11.05
N GLU B 37 4.14 -4.90 -11.65
CA GLU B 37 3.57 -5.56 -12.82
C GLU B 37 2.29 -6.29 -12.46
N ASP B 38 2.26 -6.97 -11.32
CA ASP B 38 1.06 -7.67 -10.90
C ASP B 38 -0.08 -6.70 -10.63
N GLY B 39 0.23 -5.54 -10.04
CA GLY B 39 -0.80 -4.54 -9.82
C GLY B 39 -1.32 -3.95 -11.12
N ILE B 40 -0.44 -3.76 -12.10
CA ILE B 40 -0.88 -3.28 -13.41
C ILE B 40 -1.82 -4.29 -14.05
N SER B 41 -1.47 -5.58 -13.99
CA SER B 41 -2.32 -6.62 -14.53
C SER B 41 -3.60 -6.82 -13.72
N ALA B 42 -3.70 -6.24 -12.53
CA ALA B 42 -4.85 -6.41 -11.65
C ALA B 42 -5.82 -5.25 -11.71
N ALA B 43 -5.64 -4.32 -12.64
CA ALA B 43 -6.56 -3.21 -12.82
C ALA B 43 -7.51 -3.39 -13.99
N LYS B 44 -7.27 -4.39 -14.85
CA LYS B 44 -8.14 -4.61 -15.99
C LYS B 44 -9.48 -5.20 -15.57
N ASP B 45 -9.51 -5.98 -14.49
CA ASP B 45 -10.73 -6.66 -14.09
C ASP B 45 -11.70 -5.69 -13.40
N VAL B 46 -12.97 -6.10 -13.38
CA VAL B 46 -14.04 -5.35 -12.73
C VAL B 46 -14.64 -6.24 -11.64
N LYS B 47 -14.68 -5.72 -10.42
CA LYS B 47 -15.11 -6.47 -9.25
C LYS B 47 -16.55 -6.12 -8.93
N LEU B 48 -17.44 -7.10 -9.04
CA LEU B 48 -18.86 -6.92 -8.74
C LEU B 48 -19.27 -7.85 -7.61
N LEU B 49 -20.33 -7.45 -6.91
CA LEU B 49 -20.86 -8.20 -5.78
C LEU B 49 -22.25 -8.72 -6.12
N LEU B 50 -22.49 -9.99 -5.85
CA LEU B 50 -23.79 -10.62 -6.07
C LEU B 50 -24.52 -10.74 -4.75
N LEU B 51 -25.82 -10.45 -4.77
CA LEU B 51 -26.63 -10.48 -3.55
C LEU B 51 -28.07 -10.80 -3.92
N GLY B 52 -28.84 -11.18 -2.92
CA GLY B 52 -30.23 -11.52 -3.12
C GLY B 52 -30.69 -12.68 -2.27
N ALA B 53 -32.00 -12.94 -2.27
CA ALA B 53 -32.54 -14.06 -1.50
C ALA B 53 -32.17 -15.38 -2.15
N ASP B 54 -32.28 -16.45 -1.38
CA ASP B 54 -31.98 -17.78 -1.88
C ASP B 54 -32.99 -18.21 -2.94
N ASN B 55 -32.52 -19.05 -3.87
CA ASN B 55 -33.32 -19.56 -4.97
C ASN B 55 -33.90 -18.43 -5.83
N SER B 56 -33.15 -17.34 -5.96
CA SER B 56 -33.54 -16.21 -6.80
C SER B 56 -32.77 -16.17 -8.12
N GLY B 57 -32.03 -17.23 -8.45
CA GLY B 57 -31.21 -17.23 -9.63
C GLY B 57 -29.93 -16.43 -9.50
N LYS B 58 -29.45 -16.21 -8.27
CA LYS B 58 -28.25 -15.41 -8.04
C LYS B 58 -26.98 -16.09 -8.52
N SER B 59 -27.04 -17.36 -8.90
CA SER B 59 -25.90 -18.07 -9.44
C SER B 59 -26.08 -18.48 -10.90
N THR B 60 -27.18 -18.08 -11.54
CA THR B 60 -27.52 -18.47 -12.90
C THR B 60 -27.89 -17.26 -13.73
N ILE B 61 -27.08 -16.20 -13.67
CA ILE B 61 -27.35 -15.02 -14.46
C ILE B 61 -26.85 -15.19 -15.89
N VAL B 62 -25.54 -15.41 -16.05
CA VAL B 62 -24.93 -15.57 -17.36
C VAL B 62 -24.58 -17.04 -17.58
N LYS B 63 -24.90 -17.56 -18.76
CA LYS B 63 -24.58 -18.95 -19.06
C LYS B 63 -23.08 -19.17 -19.22
N GLN B 64 -22.32 -18.13 -19.51
CA GLN B 64 -20.86 -18.21 -19.58
C GLN B 64 -20.34 -18.09 -18.15
N MET B 65 -20.42 -19.20 -17.42
CA MET B 65 -20.18 -19.14 -15.98
C MET B 65 -18.68 -19.16 -15.65
N LYS B 66 -17.98 -20.24 -16.01
CA LYS B 66 -16.53 -20.36 -15.80
C LYS B 66 -16.13 -19.93 -14.38
N ILE B 67 -16.58 -20.73 -13.41
CA ILE B 67 -16.43 -20.37 -12.00
C ILE B 67 -14.96 -20.07 -11.67
N ILE B 68 -14.09 -21.06 -11.82
CA ILE B 68 -12.69 -20.89 -11.50
C ILE B 68 -11.88 -22.07 -12.03
N THR B 79 -17.59 -24.45 0.81
CA THR B 79 -18.18 -23.43 1.68
C THR B 79 -17.20 -22.27 1.88
N GLY B 80 -17.69 -21.06 1.65
CA GLY B 80 -16.86 -19.88 1.77
C GLY B 80 -17.33 -18.76 0.85
N ILE B 81 -16.42 -18.24 0.03
CA ILE B 81 -16.75 -17.22 -0.96
C ILE B 81 -16.57 -17.82 -2.34
N VAL B 82 -17.53 -17.55 -3.23
CA VAL B 82 -17.57 -18.14 -4.56
C VAL B 82 -17.30 -17.05 -5.58
N GLU B 83 -16.35 -17.29 -6.47
CA GLU B 83 -15.93 -16.32 -7.47
C GLU B 83 -16.31 -16.80 -8.86
N THR B 84 -16.77 -15.87 -9.69
CA THR B 84 -17.11 -16.13 -11.08
C THR B 84 -16.46 -15.05 -11.94
N HIS B 85 -15.70 -15.48 -12.96
CA HIS B 85 -14.79 -14.58 -13.66
C HIS B 85 -15.04 -14.60 -15.17
N PHE B 86 -16.29 -14.46 -15.58
CA PHE B 86 -16.58 -14.36 -17.00
C PHE B 86 -16.08 -13.03 -17.56
N THR B 87 -15.79 -13.01 -18.85
CA THR B 87 -15.24 -11.86 -19.52
C THR B 87 -16.10 -11.45 -20.71
N PHE B 88 -16.03 -10.17 -21.07
CA PHE B 88 -16.86 -9.62 -22.14
C PHE B 88 -16.25 -8.33 -22.63
N LYS B 89 -16.17 -8.17 -23.96
CA LYS B 89 -15.68 -6.95 -24.60
C LYS B 89 -14.31 -6.53 -24.06
N ASN B 90 -13.41 -7.51 -23.97
CA ASN B 90 -12.04 -7.29 -23.51
C ASN B 90 -12.04 -6.67 -22.10
N LEU B 91 -13.01 -7.07 -21.29
CA LEU B 91 -13.14 -6.57 -19.92
C LEU B 91 -13.53 -7.73 -19.02
N HIS B 92 -12.85 -7.85 -17.89
CA HIS B 92 -13.01 -8.99 -17.00
C HIS B 92 -13.92 -8.62 -15.84
N PHE B 93 -14.98 -9.41 -15.65
CA PHE B 93 -15.94 -9.20 -14.57
C PHE B 93 -15.79 -10.35 -13.57
N ARG B 94 -15.56 -9.99 -12.30
CA ARG B 94 -15.43 -10.97 -11.22
C ARG B 94 -16.61 -10.80 -10.27
N LEU B 95 -17.48 -11.80 -10.24
CA LEU B 95 -18.68 -11.77 -9.41
C LEU B 95 -18.41 -12.55 -8.13
N PHE B 96 -18.37 -11.85 -7.00
CA PHE B 96 -18.15 -12.48 -5.70
C PHE B 96 -19.51 -12.79 -5.08
N ASP B 97 -19.86 -14.07 -5.04
CA ASP B 97 -21.11 -14.50 -4.42
C ASP B 97 -20.83 -14.78 -2.95
N VAL B 98 -21.38 -13.94 -2.07
CA VAL B 98 -21.09 -14.00 -0.65
C VAL B 98 -21.98 -15.03 0.04
N GLY B 99 -22.75 -15.78 -0.74
CA GLY B 99 -23.65 -16.76 -0.17
C GLY B 99 -22.91 -17.89 0.52
N GLY B 100 -23.56 -18.46 1.54
CA GLY B 100 -23.00 -19.55 2.29
C GLY B 100 -22.20 -19.17 3.52
N GLN B 101 -21.89 -17.88 3.69
CA GLN B 101 -21.12 -17.46 4.87
C GLN B 101 -21.92 -17.66 6.15
N ARG B 102 -23.20 -17.27 6.15
CA ARG B 102 -24.09 -17.47 7.29
C ARG B 102 -23.53 -16.85 8.57
N SER B 103 -22.94 -15.66 8.45
CA SER B 103 -22.39 -14.97 9.61
C SER B 103 -22.93 -13.54 9.68
N GLU B 104 -22.40 -12.74 10.60
CA GLU B 104 -22.80 -11.34 10.71
C GLU B 104 -22.13 -10.53 9.60
N ARG B 105 -22.95 -9.88 8.77
CA ARG B 105 -22.42 -9.14 7.63
C ARG B 105 -21.63 -7.92 8.05
N LYS B 106 -21.84 -7.39 9.26
CA LYS B 106 -21.17 -6.18 9.68
C LYS B 106 -19.66 -6.34 9.86
N LYS B 107 -19.15 -7.57 9.86
CA LYS B 107 -17.74 -7.79 10.16
C LYS B 107 -16.89 -8.08 8.93
N TRP B 108 -17.49 -8.50 7.82
CA TRP B 108 -16.71 -8.77 6.62
C TRP B 108 -17.21 -8.05 5.37
N ILE B 109 -18.36 -7.36 5.43
CA ILE B 109 -18.87 -6.68 4.25
C ILE B 109 -17.98 -5.52 3.83
N HIS B 110 -17.14 -5.01 4.74
CA HIS B 110 -16.21 -3.96 4.36
C HIS B 110 -15.06 -4.46 3.51
N CYS B 111 -14.91 -5.77 3.36
CA CYS B 111 -13.93 -6.32 2.42
C CYS B 111 -14.29 -6.02 0.98
N PHE B 112 -15.55 -5.68 0.70
CA PHE B 112 -16.01 -5.39 -0.65
C PHE B 112 -16.34 -3.92 -0.84
N GLU B 113 -15.62 -3.04 -0.14
CA GLU B 113 -15.88 -1.60 -0.28
C GLU B 113 -15.56 -1.10 -1.69
N ASP B 114 -14.65 -1.76 -2.39
CA ASP B 114 -14.14 -1.25 -3.66
C ASP B 114 -14.81 -1.91 -4.86
N VAL B 115 -15.92 -2.61 -4.66
CA VAL B 115 -16.60 -3.24 -5.78
C VAL B 115 -17.21 -2.16 -6.67
N THR B 116 -17.21 -2.42 -7.98
CA THR B 116 -17.76 -1.44 -8.93
C THR B 116 -19.25 -1.27 -8.76
N ALA B 117 -19.98 -2.35 -8.50
CA ALA B 117 -21.43 -2.29 -8.38
C ALA B 117 -21.92 -3.49 -7.57
N ILE B 118 -23.22 -3.50 -7.30
CA ILE B 118 -23.88 -4.60 -6.62
C ILE B 118 -24.94 -5.14 -7.57
N ILE B 119 -24.90 -6.45 -7.82
CA ILE B 119 -25.88 -7.10 -8.67
C ILE B 119 -26.91 -7.76 -7.76
N PHE B 120 -28.10 -7.19 -7.70
CA PHE B 120 -29.18 -7.69 -6.84
C PHE B 120 -30.15 -8.48 -7.69
N CYS B 121 -30.38 -9.74 -7.32
CA CYS B 121 -31.27 -10.63 -8.05
C CYS B 121 -32.51 -10.88 -7.20
N VAL B 122 -33.68 -10.60 -7.77
CA VAL B 122 -34.95 -10.76 -7.09
C VAL B 122 -35.83 -11.69 -7.92
N ASP B 123 -36.39 -12.71 -7.27
CA ASP B 123 -37.30 -13.64 -7.93
C ASP B 123 -38.74 -13.20 -7.65
N LEU B 124 -39.49 -12.92 -8.71
CA LEU B 124 -40.84 -12.42 -8.58
C LEU B 124 -41.88 -13.51 -8.34
N SER B 125 -41.51 -14.78 -8.53
CA SER B 125 -42.46 -15.88 -8.35
C SER B 125 -42.66 -16.26 -6.89
N HIS B 131 -40.82 -9.96 0.67
CA HIS B 131 -40.57 -9.11 1.84
C HIS B 131 -39.15 -9.27 2.34
N GLU B 132 -38.65 -10.52 2.37
CA GLU B 132 -37.27 -10.74 2.77
C GLU B 132 -36.31 -10.06 1.80
N SER B 133 -36.58 -10.17 0.49
CA SER B 133 -35.72 -9.54 -0.50
C SER B 133 -35.71 -8.02 -0.32
N LEU B 134 -36.88 -7.44 -0.06
CA LEU B 134 -36.95 -6.02 0.23
C LEU B 134 -36.15 -5.67 1.49
N MET B 135 -36.16 -6.56 2.48
CA MET B 135 -35.41 -6.30 3.71
C MET B 135 -33.91 -6.28 3.45
N LEU B 136 -33.42 -7.28 2.70
CA LEU B 136 -31.98 -7.30 2.33
C LEU B 136 -31.68 -6.02 1.54
N PHE B 137 -32.52 -5.71 0.59
CA PHE B 137 -32.25 -4.55 -0.26
C PHE B 137 -32.15 -3.27 0.57
N ASP B 138 -33.07 -3.10 1.53
CA ASP B 138 -33.01 -1.93 2.41
C ASP B 138 -31.74 -1.94 3.23
N SER B 139 -31.36 -3.10 3.75
CA SER B 139 -30.14 -3.19 4.56
C SER B 139 -28.90 -2.87 3.74
N ILE B 140 -28.84 -3.35 2.49
CA ILE B 140 -27.61 -3.23 1.71
C ILE B 140 -27.52 -1.85 1.07
N CYS B 141 -28.66 -1.21 0.78
CA CYS B 141 -28.64 0.08 0.11
C CYS B 141 -28.21 1.20 1.05
N ASN B 142 -28.64 1.13 2.31
CA ASN B 142 -28.36 2.17 3.29
C ASN B 142 -27.15 1.85 4.16
N ASN B 143 -26.37 0.83 3.80
CA ASN B 143 -25.16 0.53 4.54
C ASN B 143 -24.14 1.66 4.37
N LYS B 144 -23.38 1.92 5.44
CA LYS B 144 -22.47 3.05 5.43
C LYS B 144 -21.29 2.86 4.48
N PHE B 145 -20.95 1.61 4.16
CA PHE B 145 -19.85 1.37 3.22
C PHE B 145 -20.27 1.60 1.78
N PHE B 146 -21.52 1.34 1.43
CA PHE B 146 -22.00 1.35 0.05
C PHE B 146 -22.94 2.52 -0.21
N ILE B 147 -22.64 3.68 0.39
CA ILE B 147 -23.44 4.87 0.15
C ILE B 147 -23.28 5.39 -1.26
N ASP B 148 -22.13 5.14 -1.89
CA ASP B 148 -21.84 5.66 -3.22
C ASP B 148 -21.75 4.57 -4.28
N THR B 149 -21.95 3.30 -3.92
CA THR B 149 -21.84 2.20 -4.88
C THR B 149 -23.21 1.96 -5.51
N SER B 150 -23.27 2.05 -6.84
CA SER B 150 -24.51 1.87 -7.55
C SER B 150 -24.93 0.40 -7.53
N ILE B 151 -26.23 0.18 -7.74
CA ILE B 151 -26.83 -1.14 -7.65
C ILE B 151 -27.45 -1.49 -8.99
N ILE B 152 -27.14 -2.68 -9.50
CA ILE B 152 -27.79 -3.22 -10.69
C ILE B 152 -28.82 -4.24 -10.22
N LEU B 153 -30.09 -3.96 -10.48
CA LEU B 153 -31.19 -4.78 -9.99
C LEU B 153 -31.72 -5.65 -11.12
N PHE B 154 -31.77 -6.96 -10.87
CA PHE B 154 -32.27 -7.93 -11.83
C PHE B 154 -33.54 -8.55 -11.30
N LEU B 155 -34.61 -8.49 -12.08
CA LEU B 155 -35.89 -9.10 -11.73
C LEU B 155 -36.05 -10.35 -12.59
N ASN B 156 -35.85 -11.51 -11.98
CA ASN B 156 -35.82 -12.77 -12.71
C ASN B 156 -37.22 -13.36 -12.85
N LYS B 157 -37.34 -14.34 -13.75
CA LYS B 157 -38.53 -15.16 -13.91
C LYS B 157 -39.77 -14.32 -14.23
N LYS B 158 -39.71 -13.66 -15.40
CA LYS B 158 -40.88 -12.93 -15.88
C LYS B 158 -42.04 -13.86 -16.17
N ASP B 159 -41.77 -14.99 -16.83
CA ASP B 159 -42.84 -15.90 -17.23
C ASP B 159 -43.51 -16.52 -16.00
N LEU B 160 -42.72 -16.91 -15.00
CA LEU B 160 -43.30 -17.49 -13.80
C LEU B 160 -44.18 -16.48 -13.07
N PHE B 161 -43.72 -15.23 -12.97
CA PHE B 161 -44.52 -14.20 -12.33
C PHE B 161 -45.81 -13.94 -13.10
N GLY B 162 -45.72 -13.87 -14.43
CA GLY B 162 -46.91 -13.65 -15.23
C GLY B 162 -47.92 -14.79 -15.15
N GLU B 163 -47.42 -16.02 -15.01
CA GLU B 163 -48.33 -17.15 -14.85
C GLU B 163 -48.92 -17.21 -13.44
N LYS B 164 -48.15 -16.81 -12.43
CA LYS B 164 -48.62 -16.88 -11.06
C LYS B 164 -49.61 -15.75 -10.72
N ILE B 165 -49.45 -14.57 -11.34
CA ILE B 165 -50.31 -13.45 -11.00
C ILE B 165 -51.76 -13.74 -11.39
N LYS B 166 -51.97 -14.45 -12.50
CA LYS B 166 -53.34 -14.81 -12.88
C LYS B 166 -53.98 -15.74 -11.87
N LYS B 167 -53.22 -16.72 -11.37
CA LYS B 167 -53.76 -17.64 -10.37
C LYS B 167 -54.01 -16.93 -9.05
N SER B 168 -53.08 -16.08 -8.62
CA SER B 168 -53.17 -15.38 -7.33
C SER B 168 -52.86 -13.91 -7.56
N PRO B 169 -53.76 -13.00 -7.23
CA PRO B 169 -53.48 -11.57 -7.42
C PRO B 169 -52.39 -11.09 -6.47
N LEU B 170 -51.69 -10.04 -6.90
CA LEU B 170 -50.59 -9.46 -6.13
C LEU B 170 -51.17 -8.62 -4.98
N THR B 171 -51.77 -9.32 -4.03
CA THR B 171 -52.34 -8.69 -2.85
C THR B 171 -52.00 -9.39 -1.54
N ILE B 172 -51.61 -10.66 -1.56
CA ILE B 172 -51.31 -11.36 -0.32
C ILE B 172 -50.03 -10.81 0.32
N CYS B 173 -49.01 -10.55 -0.49
CA CYS B 173 -47.77 -9.99 0.03
C CYS B 173 -47.77 -8.46 0.04
N PHE B 174 -48.48 -7.83 -0.91
CA PHE B 174 -48.63 -6.38 -0.95
C PHE B 174 -50.09 -6.03 -0.77
N PRO B 175 -50.58 -5.94 0.47
CA PRO B 175 -51.98 -5.56 0.68
C PRO B 175 -52.29 -4.12 0.30
N GLU B 176 -51.27 -3.28 0.17
CA GLU B 176 -51.47 -1.87 -0.17
C GLU B 176 -51.68 -1.64 -1.65
N TYR B 177 -51.58 -2.67 -2.48
CA TYR B 177 -51.76 -2.50 -3.91
C TYR B 177 -53.19 -2.10 -4.24
N THR B 178 -53.32 -1.20 -5.23
CA THR B 178 -54.61 -0.72 -5.70
C THR B 178 -54.76 -0.72 -7.22
N GLY B 179 -53.66 -0.79 -7.97
CA GLY B 179 -53.73 -0.68 -9.41
C GLY B 179 -54.21 -1.95 -10.07
N PRO B 180 -54.23 -1.93 -11.40
CA PRO B 180 -54.72 -3.09 -12.16
C PRO B 180 -53.83 -4.30 -11.95
N ASN B 181 -54.44 -5.48 -12.10
CA ASN B 181 -53.77 -6.76 -11.90
C ASN B 181 -53.00 -7.22 -13.13
N THR B 182 -52.75 -6.34 -14.10
CA THR B 182 -52.01 -6.74 -15.29
C THR B 182 -50.53 -6.91 -14.97
N TYR B 183 -49.82 -7.56 -15.89
CA TYR B 183 -48.41 -7.87 -15.67
C TYR B 183 -47.56 -6.60 -15.60
N GLU B 184 -47.77 -5.69 -16.54
CA GLU B 184 -46.92 -4.50 -16.63
C GLU B 184 -47.05 -3.63 -15.38
N ASP B 185 -48.29 -3.36 -14.95
CA ASP B 185 -48.50 -2.49 -13.80
C ASP B 185 -47.97 -3.13 -12.52
N ALA B 186 -48.19 -4.43 -12.33
CA ALA B 186 -47.67 -5.11 -11.15
C ALA B 186 -46.14 -5.08 -11.12
N ALA B 187 -45.51 -5.35 -12.26
CA ALA B 187 -44.06 -5.30 -12.33
C ALA B 187 -43.53 -3.91 -12.04
N ALA B 188 -44.20 -2.89 -12.59
CA ALA B 188 -43.79 -1.51 -12.33
C ALA B 188 -43.96 -1.15 -10.86
N TYR B 189 -45.02 -1.66 -10.23
CA TYR B 189 -45.25 -1.41 -8.81
C TYR B 189 -44.15 -2.03 -7.95
N ILE B 190 -43.77 -3.28 -8.27
CA ILE B 190 -42.68 -3.93 -7.54
C ILE B 190 -41.37 -3.16 -7.76
N GLN B 191 -41.12 -2.72 -8.99
CA GLN B 191 -39.93 -1.93 -9.27
C GLN B 191 -39.94 -0.64 -8.48
N ALA B 192 -41.11 0.00 -8.37
CA ALA B 192 -41.21 1.25 -7.61
C ALA B 192 -40.92 1.05 -6.14
N GLN B 193 -41.46 -0.02 -5.54
CA GLN B 193 -41.14 -0.28 -4.14
C GLN B 193 -39.69 -0.68 -3.94
N PHE B 194 -39.06 -1.30 -4.94
CA PHE B 194 -37.64 -1.60 -4.81
C PHE B 194 -36.78 -0.35 -4.95
N GLU B 195 -37.17 0.60 -5.80
CA GLU B 195 -36.43 1.84 -5.94
C GLU B 195 -36.71 2.83 -4.81
N SER B 196 -37.83 2.69 -4.11
CA SER B 196 -38.19 3.63 -3.05
C SER B 196 -37.28 3.50 -1.83
N LYS B 197 -36.53 2.42 -1.70
CA LYS B 197 -35.61 2.24 -0.59
C LYS B 197 -34.24 2.86 -0.84
N ASN B 198 -34.05 3.52 -1.98
CA ASN B 198 -32.77 4.14 -2.31
C ASN B 198 -32.44 5.22 -1.28
N ARG B 199 -33.24 6.29 -1.26
CA ARG B 199 -33.15 7.33 -0.22
C ARG B 199 -31.73 7.87 -0.06
N SER B 200 -31.04 8.03 -1.19
CA SER B 200 -29.66 8.48 -1.12
C SER B 200 -29.24 9.17 -2.42
N PRO B 201 -28.44 10.22 -2.33
CA PRO B 201 -27.87 10.83 -3.54
C PRO B 201 -26.62 10.07 -3.97
N ASN B 202 -26.09 10.46 -5.13
CA ASN B 202 -24.87 9.87 -5.68
C ASN B 202 -25.01 8.39 -5.98
N LYS B 203 -26.24 7.89 -6.11
CA LYS B 203 -26.47 6.49 -6.38
C LYS B 203 -27.56 6.36 -7.43
N GLU B 204 -27.37 5.42 -8.35
CA GLU B 204 -28.36 5.09 -9.36
C GLU B 204 -28.64 3.60 -9.33
N ILE B 205 -29.89 3.22 -9.55
CA ILE B 205 -30.30 1.83 -9.63
C ILE B 205 -30.65 1.53 -11.08
N TYR B 206 -29.97 0.56 -11.67
CA TYR B 206 -30.19 0.17 -13.04
C TYR B 206 -31.02 -1.11 -13.05
N CYS B 207 -32.17 -1.07 -13.72
CA CYS B 207 -33.13 -2.16 -13.68
C CYS B 207 -33.17 -2.89 -15.01
N HIS B 208 -33.51 -4.18 -14.94
CA HIS B 208 -33.63 -5.01 -16.12
C HIS B 208 -34.48 -6.22 -15.75
N MET B 209 -35.30 -6.68 -16.69
CA MET B 209 -36.21 -7.79 -16.47
C MET B 209 -35.70 -8.99 -17.24
N THR B 210 -35.45 -10.09 -16.53
CA THR B 210 -34.78 -11.25 -17.10
C THR B 210 -35.64 -12.50 -16.95
N CYS B 211 -35.54 -13.38 -17.94
CA CYS B 211 -36.16 -14.69 -17.92
C CYS B 211 -35.08 -15.76 -17.87
N ALA B 212 -35.52 -17.02 -17.73
CA ALA B 212 -34.56 -18.12 -17.70
C ALA B 212 -33.82 -18.24 -19.02
N THR B 213 -34.52 -18.09 -20.14
CA THR B 213 -33.92 -18.23 -21.46
C THR B 213 -33.48 -16.88 -22.02
N ASP B 214 -32.63 -16.20 -21.26
CA ASP B 214 -32.05 -14.93 -21.66
C ASP B 214 -30.53 -15.05 -21.67
N THR B 215 -29.90 -14.50 -22.72
CA THR B 215 -28.47 -14.60 -22.90
C THR B 215 -27.73 -13.28 -22.87
N ASN B 216 -28.43 -12.15 -23.04
CA ASN B 216 -27.81 -10.84 -23.13
C ASN B 216 -27.56 -10.19 -21.76
N ASN B 217 -27.56 -10.98 -20.68
CA ASN B 217 -27.28 -10.43 -19.36
C ASN B 217 -25.87 -9.84 -19.30
N ALA B 218 -24.91 -10.44 -19.98
CA ALA B 218 -23.56 -9.90 -20.02
C ALA B 218 -23.55 -8.50 -20.61
N GLN B 219 -24.30 -8.28 -21.69
CA GLN B 219 -24.36 -6.97 -22.30
C GLN B 219 -24.95 -5.93 -21.35
N VAL B 220 -26.02 -6.30 -20.64
CA VAL B 220 -26.64 -5.37 -19.69
C VAL B 220 -25.68 -5.04 -18.57
N ILE B 221 -24.98 -6.05 -18.05
CA ILE B 221 -23.99 -5.80 -17.00
C ILE B 221 -22.89 -4.88 -17.51
N PHE B 222 -22.46 -5.07 -18.76
CA PHE B 222 -21.42 -4.23 -19.32
C PHE B 222 -21.89 -2.78 -19.42
N ASP B 223 -23.12 -2.56 -19.89
CA ASP B 223 -23.62 -1.19 -19.99
C ASP B 223 -23.74 -0.55 -18.61
N ALA B 224 -24.25 -1.29 -17.64
CA ALA B 224 -24.38 -0.73 -16.29
C ALA B 224 -23.01 -0.39 -15.70
N VAL B 225 -22.03 -1.27 -15.88
CA VAL B 225 -20.71 -1.04 -15.32
C VAL B 225 -20.04 0.14 -16.01
N THR B 226 -20.16 0.24 -17.33
CA THR B 226 -19.54 1.38 -18.01
C THR B 226 -20.22 2.69 -17.64
N ASP B 227 -21.54 2.67 -17.43
CA ASP B 227 -22.23 3.87 -16.97
C ASP B 227 -21.74 4.28 -15.58
N ILE B 228 -21.58 3.30 -14.69
CA ILE B 228 -21.09 3.59 -13.34
C ILE B 228 -19.68 4.16 -13.39
N ILE B 229 -18.83 3.60 -14.25
CA ILE B 229 -17.46 4.09 -14.39
C ILE B 229 -17.46 5.52 -14.93
N ILE B 230 -18.33 5.80 -15.91
CA ILE B 230 -18.43 7.16 -16.44
C ILE B 230 -18.82 8.13 -15.33
N ALA B 231 -19.80 7.75 -14.51
CA ALA B 231 -20.24 8.63 -13.43
C ALA B 231 -19.14 8.87 -12.41
N ASN B 232 -18.40 7.80 -12.04
CA ASN B 232 -17.31 7.97 -11.09
C ASN B 232 -16.22 8.87 -11.65
N ASN B 233 -15.87 8.69 -12.92
CA ASN B 233 -14.85 9.53 -13.53
C ASN B 233 -15.33 10.98 -13.62
N LEU B 234 -16.62 11.18 -13.90
CA LEU B 234 -17.20 12.52 -13.90
C LEU B 234 -17.06 13.18 -12.54
N ARG B 235 -17.35 12.43 -11.48
CA ARG B 235 -17.22 12.98 -10.14
C ARG B 235 -15.76 13.30 -9.81
N GLY B 236 -14.84 12.42 -10.21
CA GLY B 236 -13.44 12.65 -9.93
C GLY B 236 -12.89 13.87 -10.65
N CYS B 237 -13.28 14.05 -11.92
CA CYS B 237 -12.80 15.17 -12.71
C CYS B 237 -13.33 16.52 -12.24
N GLY B 238 -14.32 16.53 -11.35
CA GLY B 238 -14.88 17.77 -10.86
C GLY B 238 -15.95 18.39 -11.72
N LEU B 239 -16.36 17.72 -12.80
CA LEU B 239 -17.41 18.27 -13.65
C LEU B 239 -18.73 18.39 -12.90
N TYR B 240 -19.06 17.38 -12.10
CA TYR B 240 -20.26 17.42 -11.28
C TYR B 240 -19.92 17.49 -9.80
N ASP C 15 -36.80 -24.84 33.22
CA ASP C 15 -37.33 -23.66 33.91
C ASP C 15 -36.54 -23.39 35.19
N GLN C 16 -36.36 -24.43 36.00
CA GLN C 16 -35.56 -24.28 37.22
C GLN C 16 -34.12 -23.97 36.91
N LEU C 17 -33.60 -24.48 35.79
CA LEU C 17 -32.22 -24.19 35.40
C LEU C 17 -32.02 -22.71 35.11
N ARG C 18 -33.04 -22.05 34.55
CA ARG C 18 -32.92 -20.61 34.29
C ARG C 18 -32.78 -19.82 35.59
N GLN C 19 -33.60 -20.16 36.59
CA GLN C 19 -33.49 -19.49 37.88
C GLN C 19 -32.17 -19.83 38.57
N GLU C 20 -31.70 -21.07 38.41
CA GLU C 20 -30.40 -21.44 38.97
C GLU C 20 -29.29 -20.60 38.34
N ALA C 21 -29.33 -20.43 37.02
CA ALA C 21 -28.34 -19.58 36.35
C ALA C 21 -28.46 -18.13 36.82
N GLU C 22 -29.69 -17.65 37.01
CA GLU C 22 -29.88 -16.28 37.47
C GLU C 22 -29.28 -16.06 38.85
N GLN C 23 -29.53 -16.99 39.78
CA GLN C 23 -28.95 -16.84 41.12
C GLN C 23 -27.44 -17.02 41.10
N LEU C 24 -26.93 -17.87 40.20
CA LEU C 24 -25.48 -18.00 40.04
C LEU C 24 -24.85 -16.69 39.57
N LYS C 25 -25.47 -16.04 38.59
CA LYS C 25 -24.98 -14.76 38.12
C LYS C 25 -25.07 -13.71 39.22
N ASN C 26 -26.15 -13.73 40.00
CA ASN C 26 -26.29 -12.79 41.10
C ASN C 26 -25.19 -13.00 42.14
N GLN C 27 -24.89 -14.24 42.48
CA GLN C 27 -23.82 -14.54 43.43
C GLN C 27 -22.47 -14.07 42.89
N ILE C 28 -22.20 -14.33 41.61
CA ILE C 28 -20.94 -13.93 41.01
C ILE C 28 -20.79 -12.41 41.04
N ARG C 29 -21.86 -11.69 40.68
CA ARG C 29 -21.82 -10.24 40.70
C ARG C 29 -21.64 -9.71 42.12
N ASP C 30 -22.32 -10.33 43.10
CA ASP C 30 -22.20 -9.88 44.48
C ASP C 30 -20.77 -10.05 44.99
N ALA C 31 -20.17 -11.22 44.73
CA ALA C 31 -18.79 -11.43 45.13
C ALA C 31 -17.84 -10.47 44.42
N ARG C 32 -18.08 -10.24 43.12
CA ARG C 32 -17.23 -9.35 42.35
C ARG C 32 -17.29 -7.92 42.89
N LYS C 33 -18.48 -7.46 43.27
CA LYS C 33 -18.62 -6.14 43.86
C LYS C 33 -18.03 -6.09 45.27
N ALA C 34 -18.11 -7.20 46.00
CA ALA C 34 -17.52 -7.24 47.34
C ALA C 34 -16.01 -7.13 47.29
N CYS C 35 -15.39 -7.75 46.29
CA CYS C 35 -13.92 -7.69 46.17
C CYS C 35 -13.42 -6.28 45.83
N ALA C 36 -14.29 -5.42 45.30
CA ALA C 36 -13.87 -4.08 44.89
C ALA C 36 -13.91 -3.12 46.08
N ASP C 37 -12.79 -2.43 46.30
CA ASP C 37 -12.69 -1.43 47.36
C ASP C 37 -12.37 -0.04 46.82
N ALA C 38 -11.35 0.08 45.98
CA ALA C 38 -10.97 1.35 45.39
C ALA C 38 -10.61 1.14 43.93
N THR C 39 -10.93 2.13 43.10
CA THR C 39 -10.60 2.06 41.69
C THR C 39 -9.09 2.24 41.48
N LEU C 40 -8.62 1.79 40.31
CA LEU C 40 -7.22 1.99 39.97
C LEU C 40 -6.88 3.47 39.88
N SER C 41 -7.76 4.26 39.26
CA SER C 41 -7.51 5.69 39.09
C SER C 41 -7.42 6.43 40.42
N GLN C 42 -7.95 5.85 41.50
CA GLN C 42 -7.88 6.48 42.82
C GLN C 42 -6.62 6.07 43.55
N ILE C 43 -6.24 4.79 43.47
CA ILE C 43 -5.09 4.31 44.23
C ILE C 43 -3.79 4.92 43.69
N THR C 44 -3.65 4.95 42.37
CA THR C 44 -2.42 5.40 41.73
C THR C 44 -2.42 6.88 41.39
N ASN C 45 -3.25 7.67 42.07
CA ASN C 45 -3.39 9.09 41.76
C ASN C 45 -2.15 9.91 42.07
N ASN C 46 -1.18 9.34 42.78
CA ASN C 46 -0.01 10.09 43.24
C ASN C 46 1.18 10.02 42.29
N ILE C 47 1.08 9.30 41.17
CA ILE C 47 2.20 9.19 40.25
C ILE C 47 2.32 10.47 39.43
N ASP C 48 3.54 10.80 39.05
CA ASP C 48 3.74 11.91 38.13
C ASP C 48 3.27 11.51 36.73
N PRO C 49 2.58 12.39 36.02
CA PRO C 49 2.15 12.07 34.65
C PRO C 49 3.34 11.91 33.73
N VAL C 50 3.17 11.07 32.71
CA VAL C 50 4.24 10.76 31.77
C VAL C 50 4.45 11.92 30.81
N GLY C 51 3.64 12.96 30.95
CA GLY C 51 3.79 14.12 30.08
C GLY C 51 3.28 13.84 28.67
N ARG C 52 3.89 14.53 27.70
CA ARG C 52 3.52 14.38 26.30
C ARG C 52 4.54 13.50 25.60
N ILE C 53 4.05 12.44 24.96
CA ILE C 53 4.90 11.47 24.28
C ILE C 53 4.73 11.72 22.79
N GLN C 54 5.73 12.36 22.19
CA GLN C 54 5.71 12.70 20.76
C GLN C 54 6.49 11.65 19.99
N MET C 55 5.83 10.98 19.06
CA MET C 55 6.46 9.98 18.20
C MET C 55 6.50 10.50 16.76
N ARG C 56 7.64 10.31 16.11
CA ARG C 56 7.85 10.76 14.74
C ARG C 56 8.02 9.56 13.82
N THR C 57 7.43 9.65 12.63
CA THR C 57 7.50 8.58 11.65
C THR C 57 8.95 8.40 11.18
N ARG C 58 9.56 7.28 11.52
CA ARG C 58 10.93 6.99 11.11
C ARG C 58 10.99 6.31 9.75
N ARG C 59 10.07 5.39 9.48
CA ARG C 59 10.03 4.67 8.21
C ARG C 59 8.60 4.67 7.68
N THR C 60 8.49 4.51 6.37
CA THR C 60 7.20 4.37 5.70
C THR C 60 7.32 3.23 4.69
N LEU C 61 6.69 2.10 4.99
CA LEU C 61 6.81 0.90 4.17
C LEU C 61 5.75 0.93 3.08
N ARG C 62 6.20 1.04 1.83
CA ARG C 62 5.31 1.08 0.69
C ARG C 62 5.54 -0.14 -0.20
N GLY C 63 4.53 -0.47 -1.00
CA GLY C 63 4.59 -1.62 -1.88
C GLY C 63 3.25 -2.33 -1.97
N HIS C 64 2.43 -2.22 -0.93
CA HIS C 64 1.10 -2.77 -0.96
C HIS C 64 0.19 -1.93 -1.86
N LEU C 65 -0.74 -2.60 -2.53
CA LEU C 65 -1.63 -1.95 -3.48
C LEU C 65 -3.10 -2.05 -3.07
N ALA C 66 -3.37 -2.33 -1.80
CA ALA C 66 -4.75 -2.49 -1.33
C ALA C 66 -4.77 -2.38 0.18
N LYS C 67 -5.97 -2.49 0.75
CA LYS C 67 -6.15 -2.34 2.19
C LYS C 67 -5.39 -3.42 2.95
N ILE C 68 -4.79 -3.03 4.07
CA ILE C 68 -4.06 -3.95 4.93
C ILE C 68 -4.91 -4.23 6.17
N TYR C 69 -5.13 -5.52 6.45
CA TYR C 69 -5.93 -5.91 7.62
C TYR C 69 -5.11 -6.38 8.80
N ALA C 70 -3.87 -6.84 8.58
CA ALA C 70 -3.13 -7.44 9.68
C ALA C 70 -1.64 -7.26 9.45
N MET C 71 -0.88 -7.48 10.53
CA MET C 71 0.55 -7.27 10.57
C MET C 71 1.07 -7.90 11.85
N HIS C 72 2.28 -8.45 11.77
CA HIS C 72 2.91 -9.06 12.94
C HIS C 72 4.41 -8.81 12.89
N TRP C 73 5.00 -8.69 14.08
CA TRP C 73 6.41 -8.40 14.24
C TRP C 73 7.19 -9.69 14.47
N GLY C 74 8.39 -9.76 13.91
CA GLY C 74 9.27 -10.87 14.21
C GLY C 74 9.78 -10.82 15.64
N THR C 75 10.19 -11.99 16.13
CA THR C 75 10.74 -12.05 17.48
C THR C 75 12.03 -11.24 17.59
N ASP C 76 12.77 -11.11 16.49
CA ASP C 76 14.00 -10.33 16.47
C ASP C 76 13.75 -8.84 16.30
N SER C 77 12.48 -8.42 16.23
CA SER C 77 12.10 -7.00 16.13
C SER C 77 12.75 -6.31 14.93
N ARG C 78 12.96 -7.06 13.84
CA ARG C 78 13.54 -6.47 12.64
C ARG C 78 12.73 -6.85 11.40
N LEU C 79 12.10 -8.01 11.43
CA LEU C 79 11.36 -8.53 10.28
C LEU C 79 9.86 -8.40 10.53
N LEU C 80 9.13 -8.01 9.48
CA LEU C 80 7.69 -7.81 9.54
C LEU C 80 6.97 -8.78 8.63
N VAL C 81 5.65 -8.75 8.68
CA VAL C 81 4.80 -9.51 7.78
C VAL C 81 3.46 -8.79 7.68
N SER C 82 2.88 -8.75 6.48
CA SER C 82 1.63 -8.03 6.28
C SER C 82 0.86 -8.64 5.12
N ALA C 83 -0.45 -8.80 5.30
CA ALA C 83 -1.35 -9.28 4.26
C ALA C 83 -2.33 -8.18 3.88
N SER C 84 -2.68 -8.12 2.59
CA SER C 84 -3.57 -7.10 2.07
C SER C 84 -4.53 -7.74 1.09
N GLN C 85 -5.41 -6.91 0.51
CA GLN C 85 -6.44 -7.39 -0.40
C GLN C 85 -5.89 -7.85 -1.74
N ASP C 86 -4.65 -7.44 -2.06
CA ASP C 86 -4.02 -7.75 -3.36
C ASP C 86 -3.62 -9.20 -3.46
N GLY C 87 -3.80 -9.96 -2.41
CA GLY C 87 -3.36 -11.35 -2.39
C GLY C 87 -1.90 -11.55 -2.13
N LYS C 88 -1.18 -10.52 -1.69
CA LYS C 88 0.26 -10.60 -1.47
C LYS C 88 0.54 -10.63 0.02
N LEU C 89 1.50 -11.48 0.40
CA LEU C 89 1.99 -11.56 1.78
C LEU C 89 3.46 -11.15 1.73
N ILE C 90 3.76 -9.95 2.22
CA ILE C 90 5.08 -9.34 2.09
C ILE C 90 5.77 -9.40 3.43
N ILE C 91 7.04 -9.82 3.43
CA ILE C 91 7.89 -9.83 4.62
C ILE C 91 8.91 -8.71 4.45
N TRP C 92 8.88 -7.75 5.37
CA TRP C 92 9.72 -6.57 5.29
C TRP C 92 10.96 -6.72 6.16
N ASP C 93 11.98 -5.93 5.82
CA ASP C 93 13.11 -5.69 6.70
C ASP C 93 12.92 -4.30 7.28
N SER C 94 12.53 -4.23 8.56
CA SER C 94 12.07 -2.98 9.15
C SER C 94 13.18 -1.96 9.34
N TYR C 95 14.45 -2.35 9.17
CA TYR C 95 15.56 -1.40 9.34
C TYR C 95 15.86 -0.67 8.03
N THR C 96 16.19 -1.41 6.98
CA THR C 96 16.58 -0.83 5.70
C THR C 96 15.42 -0.74 4.71
N THR C 97 14.22 -1.15 5.10
CA THR C 97 13.02 -1.08 4.25
C THR C 97 13.27 -1.85 2.95
N ASN C 98 13.40 -3.17 3.13
CA ASN C 98 13.60 -4.10 2.02
C ASN C 98 12.57 -5.21 2.11
N LYS C 99 12.13 -5.69 0.95
CA LYS C 99 11.14 -6.76 0.86
C LYS C 99 11.90 -8.09 0.79
N VAL C 100 11.94 -8.81 1.91
CA VAL C 100 12.65 -10.08 1.94
C VAL C 100 11.90 -11.13 1.13
N HIS C 101 10.59 -11.21 1.30
CA HIS C 101 9.78 -12.22 0.63
C HIS C 101 8.49 -11.58 0.11
N ALA C 102 7.91 -12.23 -0.89
CA ALA C 102 6.60 -11.85 -1.42
C ALA C 102 5.85 -13.14 -1.73
N ILE C 103 4.90 -13.49 -0.87
CA ILE C 103 4.19 -14.76 -0.94
C ILE C 103 2.80 -14.50 -1.53
N PRO C 104 2.43 -15.13 -2.64
CA PRO C 104 1.10 -14.92 -3.21
C PRO C 104 0.04 -15.86 -2.65
N LEU C 105 -1.02 -15.28 -2.10
CA LEU C 105 -2.09 -16.06 -1.49
C LEU C 105 -3.04 -16.61 -2.56
N ARG C 106 -3.66 -17.75 -2.23
CA ARG C 106 -4.66 -18.32 -3.15
C ARG C 106 -5.92 -17.49 -3.16
N SER C 107 -6.34 -16.97 -2.01
CA SER C 107 -7.53 -16.14 -1.88
C SER C 107 -7.15 -14.74 -1.47
N SER C 108 -7.65 -13.74 -2.21
CA SER C 108 -7.33 -12.36 -1.94
C SER C 108 -7.97 -11.82 -0.66
N TRP C 109 -8.90 -12.56 -0.06
CA TRP C 109 -9.63 -12.11 1.12
C TRP C 109 -8.94 -12.71 2.35
N VAL C 110 -8.04 -11.93 2.94
CA VAL C 110 -7.25 -12.36 4.10
C VAL C 110 -7.35 -11.29 5.17
N MET C 111 -7.59 -11.72 6.41
CA MET C 111 -7.79 -10.80 7.52
C MET C 111 -6.81 -10.95 8.67
N THR C 112 -5.94 -11.96 8.66
CA THR C 112 -5.09 -12.17 9.82
C THR C 112 -3.72 -12.80 9.54
N CYS C 113 -2.69 -11.97 9.50
CA CYS C 113 -1.31 -12.46 9.52
C CYS C 113 -0.96 -13.07 10.89
N ALA C 114 0.11 -13.87 10.88
CA ALA C 114 0.72 -14.38 12.10
C ALA C 114 2.16 -14.75 11.77
N TYR C 115 3.09 -14.42 12.66
CA TYR C 115 4.50 -14.75 12.47
C TYR C 115 4.93 -15.71 13.55
N ALA C 116 5.65 -16.76 13.16
CA ALA C 116 6.08 -17.75 14.12
C ALA C 116 7.13 -17.16 15.06
N PRO C 117 7.18 -17.61 16.31
CA PRO C 117 8.20 -17.11 17.24
C PRO C 117 9.62 -17.41 16.79
N SER C 118 9.84 -18.53 16.12
CA SER C 118 11.17 -18.91 15.67
C SER C 118 11.53 -18.33 14.31
N GLY C 119 10.58 -17.70 13.61
CA GLY C 119 10.85 -17.11 12.32
C GLY C 119 10.87 -18.09 11.17
N ASN C 120 10.59 -19.37 11.40
CA ASN C 120 10.62 -20.35 10.32
C ASN C 120 9.35 -20.32 9.49
N TYR C 121 8.19 -20.20 10.12
CA TYR C 121 6.92 -20.25 9.45
C TYR C 121 6.20 -18.92 9.55
N VAL C 122 5.20 -18.74 8.69
CA VAL C 122 4.29 -17.61 8.77
C VAL C 122 2.91 -18.05 8.29
N ALA C 123 1.92 -18.02 9.17
CA ALA C 123 0.57 -18.41 8.80
C ALA C 123 -0.23 -17.21 8.36
N CYS C 124 -1.16 -17.44 7.43
CA CYS C 124 -1.94 -16.34 6.88
C CYS C 124 -3.27 -16.82 6.33
N GLY C 125 -4.34 -16.66 7.11
CA GLY C 125 -5.67 -17.10 6.72
C GLY C 125 -6.67 -15.97 6.73
N GLY C 126 -7.88 -16.26 6.29
CA GLY C 126 -8.90 -15.24 6.22
C GLY C 126 -10.29 -15.71 5.84
N LEU C 127 -10.97 -14.93 5.00
CA LEU C 127 -12.37 -15.20 4.66
C LEU C 127 -12.57 -16.54 3.98
N ASP C 128 -11.52 -17.10 3.38
CA ASP C 128 -11.63 -18.35 2.63
C ASP C 128 -11.65 -19.59 3.53
N ASN C 129 -11.78 -19.41 4.84
CA ASN C 129 -12.13 -20.40 5.85
C ASN C 129 -11.00 -21.33 6.29
N ILE C 130 -9.80 -21.23 5.72
CA ILE C 130 -8.71 -22.10 6.13
C ILE C 130 -7.49 -21.26 6.48
N CYS C 131 -6.67 -21.79 7.38
CA CYS C 131 -5.46 -21.12 7.86
C CYS C 131 -4.27 -21.69 7.11
N SER C 132 -3.87 -21.01 6.03
CA SER C 132 -2.71 -21.45 5.26
C SER C 132 -1.44 -21.16 6.04
N ILE C 133 -0.53 -22.12 6.08
CA ILE C 133 0.73 -22.00 6.80
C ILE C 133 1.87 -22.13 5.80
N TYR C 134 2.77 -21.16 5.81
CA TYR C 134 3.84 -21.07 4.83
C TYR C 134 5.18 -21.33 5.48
N ASN C 135 6.07 -22.00 4.75
CA ASN C 135 7.41 -22.34 5.23
C ASN C 135 8.41 -21.42 4.55
N LEU C 136 9.20 -20.71 5.35
CA LEU C 136 10.15 -19.74 4.82
C LEU C 136 11.53 -20.32 4.56
N LYS C 137 12.00 -21.22 5.42
CA LYS C 137 13.33 -21.80 5.30
C LYS C 137 13.21 -23.14 4.59
N THR C 138 13.21 -23.09 3.27
CA THR C 138 13.15 -24.27 2.43
C THR C 138 14.47 -24.47 1.70
N ARG C 139 14.74 -25.72 1.32
CA ARG C 139 15.94 -26.04 0.57
C ARG C 139 15.84 -25.62 -0.89
N GLU C 140 14.63 -25.48 -1.43
CA GLU C 140 14.44 -25.09 -2.81
C GLU C 140 14.53 -23.59 -3.03
N GLY C 141 14.61 -22.79 -1.97
CA GLY C 141 14.74 -21.36 -2.08
C GLY C 141 13.46 -20.59 -2.23
N ASN C 142 12.32 -21.26 -2.33
CA ASN C 142 11.02 -20.61 -2.42
C ASN C 142 10.20 -20.90 -1.17
N VAL C 143 9.07 -20.20 -1.06
CA VAL C 143 8.17 -20.33 0.07
C VAL C 143 7.00 -21.21 -0.37
N ARG C 144 6.79 -22.31 0.34
CA ARG C 144 5.75 -23.27 0.01
C ARG C 144 4.74 -23.36 1.15
N VAL C 145 3.49 -23.64 0.78
CA VAL C 145 2.43 -23.86 1.77
C VAL C 145 2.65 -25.23 2.40
N SER C 146 3.18 -25.25 3.61
CA SER C 146 3.45 -26.53 4.28
C SER C 146 2.14 -27.26 4.59
N ARG C 147 1.15 -26.55 5.12
CA ARG C 147 -0.12 -27.14 5.50
C ARG C 147 -1.24 -26.16 5.21
N GLU C 148 -2.46 -26.70 5.07
CA GLU C 148 -3.68 -25.91 4.97
C GLU C 148 -4.69 -26.51 5.93
N LEU C 149 -4.99 -25.79 7.01
CA LEU C 149 -5.82 -26.30 8.08
C LEU C 149 -7.28 -25.93 7.83
N ALA C 150 -8.15 -26.94 7.79
CA ALA C 150 -9.56 -26.75 7.51
C ALA C 150 -10.41 -27.37 8.63
N GLY C 151 -11.64 -26.89 8.74
CA GLY C 151 -12.54 -27.38 9.76
C GLY C 151 -13.41 -26.29 10.38
N HIS C 152 -13.20 -25.05 9.94
CA HIS C 152 -13.97 -23.91 10.43
C HIS C 152 -15.07 -23.56 9.42
N THR C 153 -16.23 -23.18 9.94
CA THR C 153 -17.37 -22.81 9.11
C THR C 153 -17.55 -21.31 8.98
N GLY C 154 -16.59 -20.52 9.47
CA GLY C 154 -16.70 -19.08 9.40
C GLY C 154 -15.34 -18.44 9.18
N TYR C 155 -15.38 -17.15 8.87
CA TYR C 155 -14.15 -16.41 8.57
C TYR C 155 -13.19 -16.48 9.76
N LEU C 156 -11.91 -16.54 9.44
CA LEU C 156 -10.85 -16.71 10.43
C LEU C 156 -10.30 -15.36 10.86
N SER C 157 -9.82 -15.30 12.10
CA SER C 157 -9.27 -14.06 12.64
C SER C 157 -8.26 -14.39 13.74
N CYS C 158 -7.18 -13.60 13.78
CA CYS C 158 -6.16 -13.65 14.82
C CYS C 158 -5.57 -15.06 14.99
N CYS C 159 -4.88 -15.49 13.93
CA CYS C 159 -4.00 -16.63 14.04
C CYS C 159 -2.85 -16.30 14.99
N ARG C 160 -2.46 -17.28 15.80
CA ARG C 160 -1.34 -17.10 16.72
C ARG C 160 -0.55 -18.39 16.83
N PHE C 161 0.77 -18.27 16.80
CA PHE C 161 1.65 -19.42 16.86
C PHE C 161 2.06 -19.68 18.30
N LEU C 162 1.80 -20.90 18.78
CA LEU C 162 2.32 -21.31 20.07
C LEU C 162 3.77 -21.79 19.94
N ASP C 163 4.04 -22.60 18.93
CA ASP C 163 5.36 -23.14 18.65
C ASP C 163 5.44 -23.33 17.12
N ASP C 164 6.43 -24.08 16.66
CA ASP C 164 6.53 -24.36 15.24
C ASP C 164 5.57 -25.42 14.75
N ASN C 165 4.86 -26.10 15.66
CA ASN C 165 3.89 -27.11 15.27
C ASN C 165 2.62 -27.02 16.11
N GLN C 166 2.28 -25.82 16.59
CA GLN C 166 1.07 -25.62 17.39
C GLN C 166 0.58 -24.19 17.17
N ILE C 167 -0.65 -24.06 16.70
CA ILE C 167 -1.22 -22.76 16.32
C ILE C 167 -2.64 -22.67 16.83
N VAL C 168 -3.01 -21.48 17.32
CA VAL C 168 -4.35 -21.19 17.82
C VAL C 168 -5.05 -20.27 16.84
N THR C 169 -6.32 -20.57 16.55
CA THR C 169 -7.09 -19.80 15.59
C THR C 169 -8.43 -19.38 16.21
N SER C 170 -8.99 -18.31 15.66
CA SER C 170 -10.30 -17.81 16.06
C SER C 170 -11.15 -17.61 14.81
N SER C 171 -12.44 -17.88 14.93
CA SER C 171 -13.33 -17.86 13.78
C SER C 171 -14.63 -17.16 14.11
N GLY C 172 -15.44 -16.94 13.07
CA GLY C 172 -16.79 -16.46 13.21
C GLY C 172 -17.79 -17.51 13.56
N ASP C 173 -17.35 -18.75 13.75
CA ASP C 173 -18.18 -19.86 14.19
C ASP C 173 -18.40 -19.86 15.70
N THR C 174 -18.15 -18.72 16.36
CA THR C 174 -18.31 -18.59 17.82
C THR C 174 -17.48 -19.62 18.56
N THR C 175 -16.28 -19.91 18.05
CA THR C 175 -15.41 -20.88 18.69
C THR C 175 -13.96 -20.59 18.31
N CYS C 176 -13.05 -20.99 19.19
CA CYS C 176 -11.62 -20.95 18.95
C CYS C 176 -11.07 -22.37 18.96
N ALA C 177 -10.02 -22.60 18.18
CA ALA C 177 -9.48 -23.93 18.00
C ALA C 177 -7.98 -23.93 18.17
N LEU C 178 -7.46 -25.03 18.71
CA LEU C 178 -6.03 -25.28 18.81
C LEU C 178 -5.68 -26.41 17.87
N TRP C 179 -4.72 -26.17 16.98
CA TRP C 179 -4.38 -27.09 15.91
C TRP C 179 -3.06 -27.79 16.19
N ASP C 180 -2.78 -28.80 15.36
CA ASP C 180 -1.48 -29.45 15.31
C ASP C 180 -1.04 -29.44 13.86
N ILE C 181 -0.02 -28.65 13.54
CA ILE C 181 0.39 -28.47 12.15
C ILE C 181 0.89 -29.76 11.54
N GLU C 182 1.56 -30.60 12.33
CA GLU C 182 2.08 -31.86 11.82
C GLU C 182 0.94 -32.75 11.31
N THR C 183 0.02 -33.13 12.20
CA THR C 183 -1.10 -33.97 11.79
C THR C 183 -2.08 -33.20 10.92
N GLY C 184 -2.35 -31.94 11.26
CA GLY C 184 -3.33 -31.15 10.55
C GLY C 184 -4.74 -31.22 11.08
N GLN C 185 -4.95 -31.85 12.23
CA GLN C 185 -6.28 -32.05 12.79
C GLN C 185 -6.51 -31.07 13.95
N GLN C 186 -7.78 -30.77 14.18
CA GLN C 186 -8.19 -29.89 15.27
C GLN C 186 -8.00 -30.63 16.59
N THR C 187 -6.90 -30.34 17.27
CA THR C 187 -6.59 -31.06 18.51
C THR C 187 -7.60 -30.74 19.61
N THR C 188 -7.86 -29.45 19.84
CA THR C 188 -8.80 -29.03 20.86
C THR C 188 -9.67 -27.91 20.31
N THR C 189 -10.92 -27.87 20.78
CA THR C 189 -11.87 -26.84 20.37
C THR C 189 -12.42 -26.16 21.61
N PHE C 190 -12.41 -24.84 21.61
CA PHE C 190 -12.93 -24.04 22.72
C PHE C 190 -14.25 -23.42 22.30
N THR C 191 -15.30 -23.70 23.08
CA THR C 191 -16.64 -23.19 22.80
C THR C 191 -17.20 -22.53 24.05
N GLY C 192 -18.21 -21.68 23.85
CA GLY C 192 -18.83 -20.96 24.94
C GLY C 192 -19.26 -19.57 24.55
N HIS C 193 -18.69 -19.04 23.48
CA HIS C 193 -19.10 -17.74 22.97
C HIS C 193 -20.46 -17.83 22.30
N THR C 194 -21.18 -16.72 22.30
CA THR C 194 -22.47 -16.63 21.61
C THR C 194 -22.42 -15.62 20.47
N GLY C 195 -21.24 -15.37 19.92
CA GLY C 195 -21.09 -14.45 18.80
C GLY C 195 -19.76 -14.68 18.13
N ASP C 196 -19.59 -13.99 17.00
CA ASP C 196 -18.36 -14.14 16.23
C ASP C 196 -17.15 -13.71 17.07
N VAL C 197 -16.13 -14.55 17.11
CA VAL C 197 -14.92 -14.28 17.87
C VAL C 197 -13.95 -13.54 16.97
N MET C 198 -13.60 -12.31 17.34
CA MET C 198 -12.87 -11.41 16.46
C MET C 198 -11.37 -11.36 16.72
N SER C 199 -10.93 -11.53 17.96
CA SER C 199 -9.50 -11.38 18.23
C SER C 199 -9.11 -12.18 19.47
N LEU C 200 -7.84 -12.58 19.50
CA LEU C 200 -7.28 -13.27 20.66
C LEU C 200 -5.82 -12.87 20.80
N SER C 201 -5.29 -13.06 22.01
CA SER C 201 -3.89 -12.83 22.29
C SER C 201 -3.38 -13.91 23.23
N LEU C 202 -2.17 -14.39 22.98
CA LEU C 202 -1.57 -15.45 23.77
C LEU C 202 -0.78 -14.85 24.93
N ALA C 203 -0.93 -15.46 26.10
CA ALA C 203 -0.23 -14.97 27.28
C ALA C 203 1.27 -15.19 27.13
N PRO C 204 2.09 -14.32 27.73
CA PRO C 204 3.55 -14.54 27.70
C PRO C 204 3.96 -15.86 28.32
N ASP C 205 3.24 -16.32 29.36
CA ASP C 205 3.50 -17.64 29.93
C ASP C 205 3.18 -18.76 28.94
N THR C 206 2.35 -18.47 27.93
CA THR C 206 2.06 -19.40 26.82
C THR C 206 1.34 -20.65 27.34
N ARG C 207 0.39 -20.44 28.24
CA ARG C 207 -0.52 -21.49 28.68
C ARG C 207 -1.97 -21.03 28.78
N LEU C 208 -2.24 -19.74 28.61
CA LEU C 208 -3.59 -19.21 28.65
C LEU C 208 -3.74 -18.21 27.51
N PHE C 209 -4.98 -17.99 27.08
CA PHE C 209 -5.24 -16.94 26.11
C PHE C 209 -6.68 -16.46 26.24
N VAL C 210 -6.91 -15.22 25.84
CA VAL C 210 -8.20 -14.55 25.96
C VAL C 210 -8.70 -14.22 24.57
N SER C 211 -10.00 -14.39 24.35
CA SER C 211 -10.63 -14.14 23.06
C SER C 211 -11.72 -13.11 23.21
N GLY C 212 -11.78 -12.17 22.27
CA GLY C 212 -12.81 -11.15 22.28
C GLY C 212 -13.85 -11.38 21.20
N ALA C 213 -15.08 -11.63 21.61
CA ALA C 213 -16.15 -12.00 20.69
C ALA C 213 -17.05 -10.80 20.40
N CYS C 214 -18.09 -11.07 19.61
CA CYS C 214 -19.04 -10.04 19.22
C CYS C 214 -20.19 -9.89 20.19
N ASP C 215 -20.20 -10.65 21.29
CA ASP C 215 -21.24 -10.56 22.31
C ASP C 215 -20.86 -9.62 23.44
N ALA C 216 -19.90 -8.72 23.21
CA ALA C 216 -19.45 -7.77 24.23
C ALA C 216 -18.94 -8.47 25.48
N SER C 217 -18.15 -9.53 25.28
CA SER C 217 -17.59 -10.28 26.39
C SER C 217 -16.31 -10.98 25.94
N ALA C 218 -15.28 -10.91 26.77
CA ALA C 218 -14.02 -11.58 26.53
C ALA C 218 -13.78 -12.56 27.68
N LYS C 219 -13.44 -13.80 27.34
CA LYS C 219 -13.29 -14.85 28.33
C LYS C 219 -11.93 -15.53 28.20
N LEU C 220 -11.33 -15.82 29.34
CA LEU C 220 -10.01 -16.44 29.39
C LEU C 220 -10.11 -17.94 29.20
N TRP C 221 -9.21 -18.48 28.38
CA TRP C 221 -9.19 -19.89 28.04
C TRP C 221 -7.90 -20.54 28.56
N ASP C 222 -7.94 -21.86 28.66
CA ASP C 222 -6.75 -22.67 28.96
C ASP C 222 -6.46 -23.54 27.75
N VAL C 223 -5.22 -23.49 27.27
CA VAL C 223 -4.87 -24.24 26.07
C VAL C 223 -4.72 -25.72 26.36
N ARG C 224 -4.37 -26.07 27.60
CA ARG C 224 -4.11 -27.47 27.92
C ARG C 224 -5.39 -28.25 28.16
N GLU C 225 -6.33 -27.68 28.92
CA GLU C 225 -7.56 -28.37 29.28
C GLU C 225 -8.75 -28.02 28.40
N GLY C 226 -8.68 -26.92 27.67
CA GLY C 226 -9.81 -26.50 26.87
C GLY C 226 -11.02 -26.08 27.68
N MET C 227 -10.80 -25.33 28.76
CA MET C 227 -11.88 -24.90 29.65
C MET C 227 -11.89 -23.38 29.74
N CYS C 228 -13.10 -22.82 29.88
CA CYS C 228 -13.27 -21.39 30.06
C CYS C 228 -13.10 -21.07 31.55
N ARG C 229 -11.89 -20.68 31.92
CA ARG C 229 -11.60 -20.38 33.32
C ARG C 229 -12.40 -19.18 33.82
N GLN C 230 -12.48 -18.12 33.00
CA GLN C 230 -13.07 -16.86 33.42
C GLN C 230 -13.81 -16.24 32.25
N THR C 231 -14.71 -15.31 32.57
CA THR C 231 -15.36 -14.48 31.56
C THR C 231 -15.45 -13.05 32.08
N PHE C 232 -15.41 -12.10 31.16
CA PHE C 232 -15.41 -10.69 31.51
C PHE C 232 -16.46 -9.95 30.68
N THR C 233 -17.19 -9.06 31.34
CA THR C 233 -18.24 -8.28 30.71
C THR C 233 -18.04 -6.81 31.04
N GLY C 234 -18.81 -5.95 30.36
CA GLY C 234 -18.75 -4.53 30.60
C GLY C 234 -18.82 -3.69 29.34
N HIS C 235 -18.33 -4.25 28.22
CA HIS C 235 -18.38 -3.52 26.96
C HIS C 235 -19.82 -3.45 26.44
N GLU C 236 -20.11 -2.35 25.75
CA GLU C 236 -21.46 -2.12 25.22
C GLU C 236 -21.61 -2.60 23.78
N SER C 237 -20.54 -3.03 23.12
CA SER C 237 -20.63 -3.45 21.73
C SER C 237 -19.61 -4.57 21.50
N ASP C 238 -19.45 -4.96 20.23
CA ASP C 238 -18.59 -6.08 19.89
C ASP C 238 -17.12 -5.72 20.11
N ILE C 239 -16.40 -6.59 20.80
CA ILE C 239 -14.98 -6.39 21.06
C ILE C 239 -14.21 -6.66 19.77
N ASN C 240 -13.30 -5.75 19.43
CA ASN C 240 -12.60 -5.80 18.15
C ASN C 240 -11.14 -6.21 18.25
N ALA C 241 -10.50 -6.02 19.40
CA ALA C 241 -9.10 -6.39 19.55
C ALA C 241 -8.79 -6.58 21.02
N ILE C 242 -7.72 -7.33 21.29
CA ILE C 242 -7.28 -7.65 22.65
C ILE C 242 -5.76 -7.76 22.66
N CYS C 243 -5.15 -7.29 23.74
CA CYS C 243 -3.73 -7.46 23.97
C CYS C 243 -3.48 -7.71 25.46
N PHE C 244 -2.55 -8.60 25.76
CA PHE C 244 -2.21 -8.91 27.14
C PHE C 244 -1.28 -7.85 27.73
N PHE C 245 -1.35 -7.71 29.05
CA PHE C 245 -0.36 -6.91 29.76
C PHE C 245 0.98 -7.66 29.77
N PRO C 246 2.10 -6.93 29.79
CA PRO C 246 3.41 -7.60 29.65
C PRO C 246 3.67 -8.71 30.66
N ASN C 247 3.24 -8.56 31.91
CA ASN C 247 3.53 -9.57 32.92
C ASN C 247 2.50 -10.70 32.94
N GLY C 248 1.57 -10.71 31.99
CA GLY C 248 0.59 -11.78 31.92
C GLY C 248 -0.39 -11.81 33.07
N ASN C 249 -0.89 -10.65 33.50
CA ASN C 249 -1.87 -10.62 34.57
C ASN C 249 -3.01 -9.64 34.28
N ALA C 250 -3.06 -9.06 33.09
CA ALA C 250 -4.13 -8.16 32.70
C ALA C 250 -4.18 -8.13 31.17
N PHE C 251 -5.30 -7.64 30.65
CA PHE C 251 -5.43 -7.47 29.21
C PHE C 251 -6.36 -6.31 28.91
N ALA C 252 -6.13 -5.66 27.78
CA ALA C 252 -6.90 -4.50 27.35
C ALA C 252 -7.71 -4.86 26.12
N THR C 253 -8.98 -4.47 26.13
CA THR C 253 -9.90 -4.79 25.05
C THR C 253 -10.35 -3.51 24.35
N GLY C 254 -10.64 -3.63 23.06
CA GLY C 254 -11.15 -2.51 22.29
C GLY C 254 -12.39 -2.88 21.50
N SER C 255 -13.44 -2.09 21.62
CA SER C 255 -14.72 -2.38 20.99
C SER C 255 -15.13 -1.23 20.08
N ASP C 256 -16.27 -1.41 19.41
CA ASP C 256 -16.86 -0.35 18.61
C ASP C 256 -17.56 0.70 19.47
N ASP C 257 -17.66 0.47 20.78
CA ASP C 257 -18.19 1.46 21.71
C ASP C 257 -17.26 2.64 21.92
N ALA C 258 -16.15 2.71 21.18
CA ALA C 258 -15.18 3.79 21.27
C ALA C 258 -14.54 3.85 22.66
N THR C 259 -14.45 2.71 23.34
CA THR C 259 -13.87 2.64 24.66
C THR C 259 -12.87 1.49 24.74
N CYS C 260 -11.84 1.68 25.56
CA CYS C 260 -10.90 0.63 25.92
C CYS C 260 -11.00 0.39 27.42
N ARG C 261 -10.83 -0.88 27.82
CA ARG C 261 -10.94 -1.26 29.21
C ARG C 261 -9.78 -2.16 29.59
N LEU C 262 -9.45 -2.16 30.88
CA LEU C 262 -8.35 -2.96 31.41
C LEU C 262 -8.93 -3.94 32.42
N PHE C 263 -8.96 -5.21 32.05
CA PHE C 263 -9.44 -6.27 32.93
C PHE C 263 -8.26 -6.99 33.55
N ASP C 264 -8.43 -7.42 34.80
CA ASP C 264 -7.36 -8.09 35.53
C ASP C 264 -7.82 -9.51 35.84
N LEU C 265 -6.95 -10.48 35.55
CA LEU C 265 -7.31 -11.89 35.71
C LEU C 265 -7.48 -12.27 37.17
N ARG C 266 -6.68 -11.70 38.08
CA ARG C 266 -6.78 -12.06 39.49
C ARG C 266 -7.99 -11.43 40.16
N ALA C 267 -8.34 -10.20 39.77
CA ALA C 267 -9.45 -9.50 40.39
C ALA C 267 -10.79 -9.75 39.70
N ASP C 268 -10.76 -10.21 38.45
CA ASP C 268 -11.94 -10.55 37.66
C ASP C 268 -12.83 -9.34 37.35
N GLN C 269 -12.30 -8.13 37.48
CA GLN C 269 -13.07 -6.92 37.22
C GLN C 269 -12.27 -5.99 36.31
N GLU C 270 -13.00 -5.13 35.61
CA GLU C 270 -12.35 -4.05 34.90
C GLU C 270 -11.74 -3.08 35.92
N LEU C 271 -10.56 -2.57 35.60
CA LEU C 271 -9.85 -1.68 36.51
C LEU C 271 -10.07 -0.21 36.17
N MET C 272 -10.05 0.15 34.90
CA MET C 272 -10.33 1.52 34.49
C MET C 272 -10.74 1.52 33.03
N THR C 273 -11.33 2.63 32.61
CA THR C 273 -11.82 2.81 31.25
C THR C 273 -11.04 3.92 30.57
N TYR C 274 -10.91 3.80 29.25
CA TYR C 274 -10.09 4.73 28.48
C TYR C 274 -10.93 5.50 27.47
N SER C 275 -12.07 5.99 27.90
CA SER C 275 -12.99 6.71 27.03
C SER C 275 -12.72 8.21 27.07
N HIS C 276 -12.82 8.85 25.91
CA HIS C 276 -12.71 10.30 25.79
C HIS C 276 -13.96 10.84 25.10
N ASP C 277 -14.38 12.03 25.52
CA ASP C 277 -15.65 12.58 25.03
C ASP C 277 -15.60 12.88 23.53
N ASN C 278 -14.41 13.19 23.00
CA ASN C 278 -14.27 13.52 21.60
C ASN C 278 -14.21 12.28 20.70
N ILE C 279 -14.12 11.09 21.29
CA ILE C 279 -14.01 9.86 20.53
C ILE C 279 -15.41 9.35 20.18
N ILE C 280 -15.64 9.10 18.88
CA ILE C 280 -16.92 8.61 18.41
C ILE C 280 -16.80 7.20 17.83
N CYS C 281 -15.78 6.95 17.02
CA CYS C 281 -15.61 5.66 16.37
C CYS C 281 -14.88 4.69 17.29
N GLY C 282 -15.07 3.40 17.02
CA GLY C 282 -14.53 2.36 17.87
C GLY C 282 -13.06 2.11 17.66
N ILE C 283 -12.54 1.15 18.43
CA ILE C 283 -11.13 0.78 18.40
C ILE C 283 -10.96 -0.44 17.53
N THR C 284 -9.99 -0.39 16.62
CA THR C 284 -9.74 -1.51 15.72
C THR C 284 -8.63 -2.43 16.25
N SER C 285 -7.58 -1.88 16.83
CA SER C 285 -6.47 -2.67 17.33
C SER C 285 -5.96 -2.07 18.64
N VAL C 286 -5.51 -2.95 19.52
CA VAL C 286 -5.03 -2.57 20.86
C VAL C 286 -3.67 -3.21 21.09
N SER C 287 -2.73 -2.42 21.61
CA SER C 287 -1.41 -2.93 21.93
C SER C 287 -0.86 -2.17 23.14
N PHE C 288 0.09 -2.79 23.82
CA PHE C 288 0.73 -2.25 25.00
C PHE C 288 2.18 -1.86 24.67
N SER C 289 2.85 -1.28 25.66
CA SER C 289 4.29 -1.04 25.59
C SER C 289 5.03 -2.10 26.40
N LYS C 290 6.35 -2.12 26.25
CA LYS C 290 7.15 -3.14 26.93
C LYS C 290 7.02 -3.04 28.44
N SER C 291 7.04 -1.83 28.98
CA SER C 291 6.83 -1.65 30.41
C SER C 291 5.39 -1.92 30.80
N GLY C 292 4.44 -1.60 29.92
CA GLY C 292 3.03 -1.68 30.28
C GLY C 292 2.43 -0.37 30.74
N ARG C 293 2.95 0.76 30.25
CA ARG C 293 2.47 2.08 30.63
C ARG C 293 1.68 2.78 29.54
N LEU C 294 2.06 2.58 28.28
CA LEU C 294 1.34 3.17 27.16
C LEU C 294 0.44 2.12 26.53
N LEU C 295 -0.85 2.41 26.46
CA LEU C 295 -1.83 1.53 25.83
C LEU C 295 -2.23 2.18 24.50
N LEU C 296 -1.54 1.78 23.44
CA LEU C 296 -1.81 2.32 22.12
C LEU C 296 -3.03 1.65 21.52
N ALA C 297 -3.93 2.45 20.97
CA ALA C 297 -5.16 1.95 20.38
C ALA C 297 -5.43 2.65 19.05
N GLY C 298 -5.87 1.89 18.06
CA GLY C 298 -6.17 2.42 16.75
C GLY C 298 -7.67 2.57 16.55
N TYR C 299 -8.07 3.72 16.03
CA TYR C 299 -9.46 4.06 15.83
C TYR C 299 -9.79 4.10 14.34
N ASP C 300 -11.07 4.34 14.05
CA ASP C 300 -11.53 4.47 12.68
C ASP C 300 -11.42 5.90 12.14
N ASP C 301 -11.06 6.86 12.99
CA ASP C 301 -10.86 8.25 12.57
C ASP C 301 -9.45 8.53 12.09
N PHE C 302 -8.74 7.49 11.62
CA PHE C 302 -7.49 7.54 10.87
C PHE C 302 -6.26 7.79 11.75
N ASN C 303 -6.42 7.91 13.07
CA ASN C 303 -5.27 8.17 13.94
C ASN C 303 -5.30 7.24 15.15
N CYS C 304 -4.15 7.14 15.81
CA CYS C 304 -4.00 6.34 17.02
C CYS C 304 -3.71 7.24 18.21
N ASN C 305 -4.31 6.93 19.34
CA ASN C 305 -4.13 7.70 20.57
C ASN C 305 -3.40 6.85 21.59
N VAL C 306 -2.36 7.42 22.19
CA VAL C 306 -1.55 6.71 23.17
C VAL C 306 -2.12 7.01 24.55
N TRP C 307 -2.65 6.00 25.21
CA TRP C 307 -3.29 6.14 26.52
C TRP C 307 -2.32 5.70 27.61
N ASP C 308 -2.05 6.59 28.55
CA ASP C 308 -1.27 6.23 29.72
C ASP C 308 -2.07 5.23 30.55
N ALA C 309 -1.62 3.97 30.57
CA ALA C 309 -2.43 2.87 31.08
C ALA C 309 -2.68 2.92 32.58
N LEU C 310 -2.23 3.97 33.28
CA LEU C 310 -2.45 4.06 34.72
C LEU C 310 -3.28 5.25 35.15
N LYS C 311 -3.45 6.28 34.31
CA LYS C 311 -4.27 7.43 34.66
C LYS C 311 -5.30 7.78 33.59
N ALA C 312 -5.36 7.03 32.49
CA ALA C 312 -6.36 7.23 31.44
C ALA C 312 -6.32 8.65 30.87
N ASP C 313 -5.12 9.15 30.62
CA ASP C 313 -4.92 10.43 29.94
C ASP C 313 -4.22 10.20 28.62
N ARG C 314 -4.70 10.86 27.57
CA ARG C 314 -4.10 10.75 26.25
C ARG C 314 -2.72 11.40 26.28
N ALA C 315 -1.67 10.58 26.28
CA ALA C 315 -0.30 11.09 26.29
C ALA C 315 0.27 11.20 24.87
N GLY C 316 -0.46 11.89 24.00
CA GLY C 316 -0.03 12.11 22.64
C GLY C 316 -0.94 11.44 21.62
N VAL C 317 -0.72 11.80 20.37
CA VAL C 317 -1.48 11.28 19.24
C VAL C 317 -0.51 10.98 18.10
N LEU C 318 -0.65 9.82 17.49
CA LEU C 318 0.24 9.44 16.39
C LEU C 318 -0.15 10.13 15.08
N ALA C 319 -1.40 9.93 14.66
CA ALA C 319 -1.94 10.51 13.42
C ALA C 319 -1.09 10.04 12.24
N GLY C 320 -1.06 10.82 11.16
CA GLY C 320 -0.23 10.53 10.01
C GLY C 320 -0.85 9.67 8.95
N HIS C 321 -1.90 8.91 9.27
CA HIS C 321 -2.52 8.01 8.31
C HIS C 321 -3.69 8.67 7.60
N ASP C 322 -3.93 8.23 6.37
CA ASP C 322 -5.01 8.77 5.56
C ASP C 322 -6.31 8.01 5.72
N ASN C 323 -6.25 6.72 6.08
CA ASN C 323 -7.45 5.92 6.23
C ASN C 323 -7.48 5.21 7.58
N ARG C 324 -8.46 4.32 7.77
CA ARG C 324 -8.64 3.67 9.06
C ARG C 324 -7.44 2.80 9.41
N VAL C 325 -6.97 2.93 10.64
CA VAL C 325 -5.88 2.10 11.15
C VAL C 325 -6.45 0.72 11.48
N SER C 326 -5.92 -0.31 10.83
CA SER C 326 -6.46 -1.66 10.97
C SER C 326 -5.61 -2.58 11.83
N CYS C 327 -4.35 -2.23 12.08
CA CYS C 327 -3.47 -3.12 12.82
C CYS C 327 -2.38 -2.31 13.51
N LEU C 328 -2.00 -2.75 14.70
CA LEU C 328 -0.91 -2.16 15.46
C LEU C 328 0.10 -3.23 15.82
N GLY C 329 1.34 -2.81 16.01
CA GLY C 329 2.39 -3.73 16.39
C GLY C 329 3.52 -3.07 17.15
N VAL C 330 3.86 -3.62 18.31
CA VAL C 330 4.95 -3.12 19.14
C VAL C 330 6.02 -4.20 19.20
N THR C 331 7.26 -3.84 18.86
CA THR C 331 8.34 -4.81 18.82
C THR C 331 8.60 -5.37 20.21
N ASP C 332 9.30 -6.51 20.25
CA ASP C 332 9.52 -7.20 21.50
C ASP C 332 10.37 -6.38 22.46
N ASP C 333 11.37 -5.66 21.93
CA ASP C 333 12.18 -4.78 22.77
C ASP C 333 11.52 -3.43 23.02
N GLY C 334 10.39 -3.14 22.38
CA GLY C 334 9.74 -1.86 22.53
C GLY C 334 10.35 -0.73 21.75
N MET C 335 11.31 -1.02 20.86
CA MET C 335 12.02 0.04 20.15
C MET C 335 11.14 0.78 19.15
N ALA C 336 10.04 0.18 18.70
CA ALA C 336 9.24 0.81 17.66
C ALA C 336 7.79 0.38 17.76
N VAL C 337 6.92 1.19 17.15
CA VAL C 337 5.50 0.88 16.98
C VAL C 337 5.18 1.07 15.51
N ALA C 338 4.64 0.02 14.88
CA ALA C 338 4.31 0.06 13.47
C ALA C 338 2.81 -0.03 13.28
N THR C 339 2.27 0.84 12.44
CA THR C 339 0.84 0.93 12.20
C THR C 339 0.54 0.65 10.74
N GLY C 340 -0.51 -0.12 10.49
CA GLY C 340 -0.97 -0.39 9.14
C GLY C 340 -2.41 0.06 9.00
N SER C 341 -2.74 0.61 7.83
CA SER C 341 -4.06 1.18 7.60
C SER C 341 -4.56 0.73 6.24
N TRP C 342 -5.71 1.27 5.83
CA TRP C 342 -6.36 0.88 4.59
C TRP C 342 -5.82 1.61 3.37
N ASP C 343 -4.91 2.58 3.55
CA ASP C 343 -4.29 3.27 2.43
C ASP C 343 -3.05 2.57 1.91
N SER C 344 -2.88 1.29 2.23
CA SER C 344 -1.75 0.46 1.76
C SER C 344 -0.40 1.09 2.13
N PHE C 345 -0.31 1.65 3.33
CA PHE C 345 0.95 2.20 3.82
C PHE C 345 1.16 1.79 5.27
N LEU C 346 2.36 1.31 5.58
CA LEU C 346 2.77 1.01 6.94
C LEU C 346 3.76 2.06 7.41
N LYS C 347 3.55 2.58 8.62
CA LYS C 347 4.42 3.61 9.18
C LYS C 347 4.97 3.14 10.51
N ILE C 348 6.28 3.28 10.69
CA ILE C 348 6.96 2.85 11.90
C ILE C 348 7.28 4.09 12.73
N TRP C 349 6.91 4.04 14.01
CA TRP C 349 7.01 5.19 14.90
C TRP C 349 7.97 4.89 16.03
N ASN C 350 8.63 5.94 16.52
CA ASN C 350 9.58 5.82 17.62
C ASN C 350 9.69 7.14 18.39
N ILE D 9 -33.77 -28.15 26.35
CA ILE D 9 -33.63 -28.65 27.70
C ILE D 9 -32.23 -29.23 27.90
N ALA D 10 -31.64 -29.72 26.81
CA ALA D 10 -30.30 -30.29 26.84
C ALA D 10 -29.22 -29.29 26.46
N GLN D 11 -29.60 -28.05 26.14
CA GLN D 11 -28.63 -27.02 25.76
C GLN D 11 -28.21 -26.14 26.92
N ALA D 12 -29.08 -25.90 27.88
CA ALA D 12 -28.78 -25.04 29.03
C ALA D 12 -28.14 -25.81 30.18
N ARG D 13 -27.98 -27.13 30.07
CA ARG D 13 -27.40 -27.91 31.15
C ARG D 13 -25.92 -27.58 31.34
N LYS D 14 -25.20 -27.34 30.24
CA LYS D 14 -23.78 -27.02 30.33
C LYS D 14 -23.53 -25.59 30.80
N LEU D 15 -24.48 -24.68 30.54
CA LEU D 15 -24.30 -23.28 30.94
C LEU D 15 -24.21 -23.14 32.45
N VAL D 16 -25.09 -23.82 33.19
CA VAL D 16 -25.07 -23.71 34.64
C VAL D 16 -23.81 -24.35 35.20
N GLU D 17 -23.33 -25.43 34.59
CA GLU D 17 -22.07 -26.02 35.01
C GLU D 17 -20.91 -25.06 34.78
N GLN D 18 -20.92 -24.36 33.64
CA GLN D 18 -19.92 -23.32 33.41
C GLN D 18 -20.00 -22.24 34.48
N LEU D 19 -21.22 -21.87 34.88
CA LEU D 19 -21.37 -20.87 35.94
C LEU D 19 -20.82 -21.38 37.27
N LYS D 20 -21.03 -22.67 37.58
CA LYS D 20 -20.40 -23.25 38.77
C LYS D 20 -18.89 -23.15 38.68
N MET D 21 -18.32 -23.47 37.52
CA MET D 21 -16.87 -23.42 37.36
C MET D 21 -16.34 -22.01 37.53
N GLU D 22 -17.06 -21.02 36.98
CA GLU D 22 -16.60 -19.64 37.04
C GLU D 22 -16.81 -19.01 38.42
N ALA D 23 -17.82 -19.46 39.17
CA ALA D 23 -18.13 -18.84 40.45
C ALA D 23 -17.04 -19.11 41.49
N ASN D 24 -16.52 -20.33 41.51
CA ASN D 24 -15.52 -20.74 42.51
C ASN D 24 -14.12 -20.42 41.99
N ILE D 25 -13.72 -19.17 42.16
CA ILE D 25 -12.40 -18.68 41.79
C ILE D 25 -11.83 -17.92 42.97
N ASP D 26 -10.55 -18.18 43.27
CA ASP D 26 -9.90 -17.49 44.39
C ASP D 26 -9.66 -16.03 44.04
N ARG D 27 -10.59 -15.16 44.43
CA ARG D 27 -10.51 -13.76 44.08
C ARG D 27 -9.60 -12.99 45.03
N ILE D 28 -9.03 -11.91 44.53
CA ILE D 28 -8.09 -11.08 45.26
C ILE D 28 -8.55 -9.63 45.18
N LYS D 29 -8.42 -8.91 46.28
CA LYS D 29 -8.86 -7.52 46.35
C LYS D 29 -8.21 -6.69 45.25
N VAL D 30 -9.00 -5.81 44.64
CA VAL D 30 -8.52 -5.00 43.53
C VAL D 30 -7.40 -4.06 43.94
N SER D 31 -7.33 -3.69 45.22
CA SER D 31 -6.24 -2.84 45.69
C SER D 31 -4.90 -3.53 45.52
N LYS D 32 -4.82 -4.80 45.93
CA LYS D 32 -3.56 -5.54 45.81
C LYS D 32 -3.19 -5.76 44.35
N ALA D 33 -4.17 -6.08 43.50
CA ALA D 33 -3.89 -6.28 42.09
C ALA D 33 -3.41 -5.00 41.42
N ALA D 34 -4.05 -3.87 41.72
CA ALA D 34 -3.61 -2.60 41.18
C ALA D 34 -2.21 -2.24 41.69
N ALA D 35 -1.93 -2.55 42.96
CA ALA D 35 -0.59 -2.30 43.50
C ALA D 35 0.45 -3.14 42.77
N ASP D 36 0.12 -4.41 42.48
CA ASP D 36 1.05 -5.26 41.75
C ASP D 36 1.30 -4.74 40.33
N LEU D 37 0.24 -4.30 39.66
CA LEU D 37 0.39 -3.73 38.33
C LEU D 37 1.27 -2.48 38.36
N MET D 38 1.03 -1.60 39.34
CA MET D 38 1.87 -0.42 39.51
C MET D 38 3.31 -0.79 39.79
N ALA D 39 3.53 -1.80 40.63
CA ALA D 39 4.89 -2.21 40.96
C ALA D 39 5.63 -2.71 39.73
N TYR D 40 4.96 -3.52 38.90
CA TYR D 40 5.60 -3.98 37.67
C TYR D 40 5.89 -2.81 36.73
N CYS D 41 4.90 -1.93 36.54
CA CYS D 41 5.07 -0.82 35.61
C CYS D 41 6.13 0.17 36.05
N GLU D 42 6.38 0.26 37.36
CA GLU D 42 7.45 1.12 37.86
C GLU D 42 8.80 0.43 37.87
N ALA D 43 8.83 -0.88 38.15
CA ALA D 43 10.10 -1.60 38.17
C ALA D 43 10.68 -1.72 36.77
N HIS D 44 9.88 -2.14 35.80
CA HIS D 44 10.38 -2.29 34.43
C HIS D 44 10.17 -1.01 33.61
N ALA D 45 10.59 0.13 34.17
CA ALA D 45 10.38 1.41 33.50
C ALA D 45 11.64 1.94 32.82
N LYS D 46 12.82 1.51 33.24
CA LYS D 46 14.06 1.98 32.65
C LYS D 46 14.37 1.34 31.32
N GLU D 47 13.64 0.29 30.92
CA GLU D 47 13.90 -0.45 29.70
C GLU D 47 12.83 -0.21 28.65
N ASP D 48 12.19 0.95 28.67
CA ASP D 48 11.13 1.26 27.71
C ASP D 48 11.62 2.35 26.76
N PRO D 49 11.92 2.03 25.50
CA PRO D 49 12.33 3.07 24.54
C PRO D 49 11.20 3.98 24.09
N LEU D 50 9.97 3.74 24.54
CA LEU D 50 8.82 4.56 24.19
C LEU D 50 8.45 5.55 25.27
N LEU D 51 8.38 5.10 26.53
CA LEU D 51 8.07 6.00 27.63
C LEU D 51 9.16 7.05 27.80
N THR D 52 10.42 6.63 27.75
CA THR D 52 11.55 7.54 27.82
C THR D 52 12.29 7.50 26.49
N PRO D 53 12.40 8.62 25.78
CA PRO D 53 13.05 8.60 24.46
C PRO D 53 14.49 8.12 24.57
N VAL D 54 14.88 7.28 23.61
CA VAL D 54 16.21 6.69 23.57
C VAL D 54 17.17 7.72 22.99
N PRO D 55 18.44 7.74 23.40
CA PRO D 55 19.41 8.61 22.71
C PRO D 55 19.56 8.23 21.25
N ALA D 56 19.84 9.24 20.42
CA ALA D 56 19.92 9.02 18.98
C ALA D 56 21.03 8.06 18.59
N SER D 57 22.02 7.85 19.46
CA SER D 57 23.10 6.92 19.17
C SER D 57 22.65 5.47 19.28
N GLU D 58 21.60 5.18 20.05
CA GLU D 58 21.10 3.83 20.25
C GLU D 58 19.71 3.64 19.65
N ASN D 59 19.40 4.37 18.58
CA ASN D 59 18.11 4.27 17.91
C ASN D 59 18.32 3.69 16.52
N PRO D 60 18.06 2.39 16.31
CA PRO D 60 18.27 1.81 14.97
C PRO D 60 17.38 2.40 13.90
N PHE D 61 16.24 2.99 14.27
CA PHE D 61 15.32 3.56 13.30
C PHE D 61 15.61 5.04 13.08
N ASP E 1 15.26 -33.21 -4.62
CA ASP E 1 16.68 -33.15 -4.30
C ASP E 1 17.38 -32.05 -5.08
N VAL E 2 18.12 -31.21 -4.39
CA VAL E 2 18.92 -30.18 -5.03
C VAL E 2 20.17 -30.82 -5.63
N GLN E 3 20.40 -30.55 -6.92
CA GLN E 3 21.53 -31.17 -7.61
C GLN E 3 22.07 -30.19 -8.65
N LEU E 4 23.37 -29.94 -8.59
CA LEU E 4 24.08 -29.15 -9.59
C LEU E 4 25.10 -30.06 -10.27
N VAL E 5 24.93 -30.28 -11.56
CA VAL E 5 25.82 -31.11 -12.35
C VAL E 5 26.26 -30.33 -13.57
N GLU E 6 27.56 -30.33 -13.85
CA GLU E 6 28.13 -29.54 -14.93
C GLU E 6 29.05 -30.39 -15.78
N SER E 7 29.08 -30.07 -17.08
CA SER E 7 29.86 -30.81 -18.06
C SER E 7 30.52 -29.85 -19.03
N GLY E 8 31.50 -30.36 -19.76
CA GLY E 8 32.21 -29.55 -20.74
C GLY E 8 33.72 -29.60 -20.56
N GLY E 9 34.17 -30.25 -19.49
CA GLY E 9 35.59 -30.36 -19.23
C GLY E 9 36.29 -31.34 -20.15
N GLY E 10 37.60 -31.26 -20.16
CA GLY E 10 38.41 -32.12 -20.99
C GLY E 10 39.73 -31.47 -21.33
N LEU E 11 40.47 -32.13 -22.21
CA LEU E 11 41.78 -31.67 -22.65
C LEU E 11 41.60 -30.72 -23.82
N VAL E 12 42.15 -29.51 -23.71
CA VAL E 12 42.08 -28.51 -24.76
C VAL E 12 43.47 -27.93 -24.98
N GLN E 13 43.71 -27.46 -26.21
CA GLN E 13 44.96 -26.84 -26.56
C GLN E 13 44.95 -25.36 -26.15
N PRO E 14 46.12 -24.77 -25.90
CA PRO E 14 46.18 -23.34 -25.59
C PRO E 14 45.64 -22.50 -26.74
N GLY E 15 44.95 -21.42 -26.40
CA GLY E 15 44.38 -20.52 -27.38
C GLY E 15 42.99 -20.90 -27.85
N GLY E 16 42.48 -22.06 -27.45
CA GLY E 16 41.15 -22.48 -27.85
C GLY E 16 40.07 -21.90 -26.97
N SER E 17 38.83 -22.23 -27.33
CA SER E 17 37.65 -21.77 -26.60
C SER E 17 36.82 -22.96 -26.16
N ARG E 18 36.35 -22.92 -24.91
CA ARG E 18 35.53 -23.98 -24.35
C ARG E 18 34.41 -23.37 -23.51
N LYS E 19 33.26 -24.03 -23.53
CA LYS E 19 32.08 -23.59 -22.80
C LYS E 19 31.69 -24.66 -21.79
N LEU E 20 31.41 -24.24 -20.57
CA LEU E 20 30.97 -25.15 -19.51
C LEU E 20 29.53 -24.82 -19.14
N SER E 21 28.71 -25.85 -19.01
CA SER E 21 27.29 -25.70 -18.69
C SER E 21 27.01 -26.29 -17.33
N CYS E 22 26.41 -25.49 -16.45
CA CYS E 22 26.02 -25.92 -15.10
C CYS E 22 24.51 -26.05 -15.06
N SER E 23 24.03 -27.29 -15.15
CA SER E 23 22.59 -27.57 -15.17
C SER E 23 22.09 -27.78 -13.75
N ALA E 24 21.02 -27.08 -13.39
CA ALA E 24 20.46 -27.13 -12.05
C ALA E 24 19.08 -27.77 -12.09
N SER E 25 18.77 -28.56 -11.05
CA SER E 25 17.48 -29.23 -10.96
C SER E 25 17.20 -29.52 -9.50
N GLY E 26 16.18 -28.86 -8.94
CA GLY E 26 15.80 -29.11 -7.57
C GLY E 26 15.58 -27.86 -6.73
N PHE E 27 15.65 -26.69 -7.37
CA PHE E 27 15.42 -25.45 -6.66
C PHE E 27 15.03 -24.37 -7.67
N ALA E 28 14.54 -23.24 -7.15
CA ALA E 28 14.16 -22.13 -8.00
C ALA E 28 15.39 -21.43 -8.55
N PHE E 29 15.81 -21.82 -9.76
CA PHE E 29 17.06 -21.32 -10.32
C PHE E 29 17.04 -19.81 -10.50
N SER E 30 15.89 -19.26 -10.91
CA SER E 30 15.81 -17.84 -11.22
C SER E 30 16.01 -16.94 -10.02
N SER E 31 15.94 -17.48 -8.80
CA SER E 31 16.06 -16.69 -7.59
C SER E 31 17.41 -16.81 -6.90
N PHE E 32 18.37 -17.51 -7.51
CA PHE E 32 19.67 -17.76 -6.90
C PHE E 32 20.77 -17.13 -7.73
N GLY E 33 21.62 -16.35 -7.08
CA GLY E 33 22.84 -15.87 -7.72
C GLY E 33 23.84 -17.00 -7.78
N MET E 34 24.44 -17.19 -8.96
CA MET E 34 25.32 -18.33 -9.19
C MET E 34 26.76 -17.87 -9.39
N HIS E 35 27.69 -18.66 -8.86
CA HIS E 35 29.11 -18.38 -8.95
C HIS E 35 29.82 -19.45 -9.78
N TRP E 36 31.11 -19.22 -10.01
CA TRP E 36 32.02 -20.22 -10.55
C TRP E 36 33.29 -20.17 -9.73
N VAL E 37 33.68 -21.30 -9.15
CA VAL E 37 34.88 -21.40 -8.32
C VAL E 37 35.74 -22.52 -8.88
N ARG E 38 37.01 -22.22 -9.13
CA ARG E 38 37.95 -23.19 -9.68
C ARG E 38 39.00 -23.54 -8.64
N GLN E 39 39.42 -24.80 -8.66
CA GLN E 39 40.44 -25.30 -7.73
C GLN E 39 41.57 -25.90 -8.54
N ALA E 40 42.74 -25.27 -8.49
CA ALA E 40 43.90 -25.79 -9.17
C ALA E 40 44.34 -27.10 -8.53
N PRO E 41 45.03 -27.96 -9.27
CA PRO E 41 45.48 -29.24 -8.69
C PRO E 41 46.35 -29.03 -7.46
N GLU E 42 45.88 -29.58 -6.33
CA GLU E 42 46.58 -29.56 -5.04
C GLU E 42 47.14 -28.18 -4.70
N LYS E 43 46.40 -27.13 -5.07
CA LYS E 43 46.77 -25.76 -4.72
C LYS E 43 45.72 -25.07 -3.88
N GLY E 44 44.45 -25.15 -4.25
CA GLY E 44 43.40 -24.52 -3.46
C GLY E 44 42.34 -23.81 -4.27
N LEU E 45 41.25 -23.43 -3.62
CA LEU E 45 40.13 -22.79 -4.30
C LEU E 45 40.48 -21.36 -4.70
N GLU E 46 39.74 -20.87 -5.70
CA GLU E 46 39.93 -19.51 -6.19
C GLU E 46 38.66 -19.07 -6.91
N TRP E 47 38.18 -17.87 -6.59
CA TRP E 47 36.96 -17.36 -7.19
C TRP E 47 37.20 -16.94 -8.64
N VAL E 48 36.17 -17.11 -9.47
CA VAL E 48 36.30 -16.85 -10.90
C VAL E 48 35.28 -15.81 -11.37
N ALA E 49 33.99 -16.12 -11.23
CA ALA E 49 32.95 -15.26 -11.77
C ALA E 49 31.68 -15.39 -10.94
N TYR E 50 30.81 -14.40 -11.08
CA TYR E 50 29.54 -14.38 -10.36
C TYR E 50 28.51 -13.62 -11.17
N ILE E 51 27.30 -14.17 -11.26
CA ILE E 51 26.18 -13.53 -11.94
C ILE E 51 24.99 -13.49 -10.98
N SER E 52 24.36 -12.33 -10.87
CA SER E 52 23.30 -12.12 -9.89
C SER E 52 22.00 -12.76 -10.38
N SER E 53 20.91 -12.52 -9.67
CA SER E 53 19.60 -13.01 -10.08
C SER E 53 19.05 -12.13 -11.19
N GLY E 54 18.62 -12.76 -12.28
CA GLY E 54 18.14 -12.02 -13.43
C GLY E 54 19.23 -11.44 -14.29
N SER E 55 20.47 -11.89 -14.13
CA SER E 55 21.61 -11.43 -14.91
C SER E 55 21.80 -9.91 -14.79
N GLY E 56 21.51 -9.37 -13.62
CA GLY E 56 21.64 -7.94 -13.40
C GLY E 56 23.07 -7.49 -13.15
N THR E 57 23.69 -8.03 -12.12
CA THR E 57 25.06 -7.66 -11.73
C THR E 57 25.99 -8.84 -11.99
N ILE E 58 27.08 -8.59 -12.71
CA ILE E 58 28.07 -9.60 -13.04
C ILE E 58 29.45 -9.08 -12.69
N TYR E 59 30.24 -9.92 -12.04
CA TYR E 59 31.61 -9.58 -11.66
C TYR E 59 32.56 -10.64 -12.22
N TYR E 60 33.84 -10.29 -12.26
CA TYR E 60 34.88 -11.20 -12.72
C TYR E 60 36.12 -11.03 -11.86
N ALA E 61 36.90 -12.10 -11.78
CA ALA E 61 38.18 -12.03 -11.09
C ALA E 61 39.18 -11.22 -11.91
N ASP E 62 40.12 -10.59 -11.22
CA ASP E 62 41.11 -9.77 -11.90
C ASP E 62 42.02 -10.61 -12.79
N THR E 63 42.19 -11.89 -12.47
CA THR E 63 43.05 -12.75 -13.28
C THR E 63 42.44 -12.99 -14.66
N VAL E 64 41.13 -13.14 -14.74
CA VAL E 64 40.47 -13.50 -15.99
C VAL E 64 39.46 -12.43 -16.40
N LYS E 65 39.69 -11.19 -15.97
CA LYS E 65 38.80 -10.10 -16.34
C LYS E 65 38.91 -9.79 -17.83
N GLY E 66 37.77 -9.74 -18.51
CA GLY E 66 37.74 -9.48 -19.93
C GLY E 66 38.04 -10.67 -20.81
N ARG E 67 38.33 -11.83 -20.22
CA ARG E 67 38.64 -13.04 -20.96
C ARG E 67 37.55 -14.09 -20.90
N PHE E 68 36.83 -14.18 -19.79
CA PHE E 68 35.74 -15.12 -19.62
C PHE E 68 34.40 -14.42 -19.81
N THR E 69 33.39 -15.21 -20.19
CA THR E 69 32.03 -14.70 -20.33
C THR E 69 31.08 -15.67 -19.65
N ILE E 70 30.22 -15.13 -18.79
CA ILE E 70 29.24 -15.93 -18.06
C ILE E 70 27.84 -15.51 -18.50
N SER E 71 26.97 -16.50 -18.69
CA SER E 71 25.62 -16.25 -19.16
C SER E 71 24.64 -17.12 -18.39
N ARG E 72 23.40 -16.66 -18.31
CA ARG E 72 22.36 -17.30 -17.53
C ARG E 72 21.15 -17.55 -18.42
N ASP E 73 20.60 -18.76 -18.36
CA ASP E 73 19.44 -19.16 -19.14
C ASP E 73 18.35 -19.58 -18.16
N ASP E 74 17.57 -18.60 -17.70
CA ASP E 74 16.61 -18.88 -16.63
C ASP E 74 15.54 -19.88 -17.04
N PRO E 75 14.94 -19.85 -18.24
CA PRO E 75 13.88 -20.81 -18.53
C PRO E 75 14.46 -22.23 -18.58
N LYS E 76 15.64 -22.38 -19.15
CA LYS E 76 16.23 -23.70 -19.33
C LYS E 76 16.89 -24.23 -18.06
N ASN E 77 17.04 -23.41 -17.03
CA ASN E 77 17.75 -23.79 -15.81
C ASN E 77 19.16 -24.29 -16.12
N THR E 78 19.93 -23.45 -16.80
CA THR E 78 21.29 -23.77 -17.18
C THR E 78 22.17 -22.54 -17.03
N LEU E 79 23.38 -22.75 -16.51
CA LEU E 79 24.36 -21.68 -16.32
C LEU E 79 25.61 -22.01 -17.14
N PHE E 80 26.08 -21.02 -17.91
CA PHE E 80 27.17 -21.23 -18.84
C PHE E 80 28.40 -20.43 -18.42
N LEU E 81 29.50 -20.69 -19.11
CA LEU E 81 30.75 -19.95 -18.90
C LEU E 81 31.57 -20.08 -20.18
N GLN E 82 31.71 -18.97 -20.92
CA GLN E 82 32.45 -18.97 -22.17
C GLN E 82 33.82 -18.34 -21.96
N MET E 83 34.86 -19.06 -22.35
CA MET E 83 36.24 -18.60 -22.21
C MET E 83 36.87 -18.46 -23.58
N THR E 84 37.49 -17.30 -23.83
CA THR E 84 38.01 -17.00 -25.17
C THR E 84 39.38 -17.64 -25.39
N SER E 85 40.36 -17.29 -24.56
CA SER E 85 41.72 -17.80 -24.69
C SER E 85 42.13 -18.47 -23.39
N LEU E 86 42.70 -19.67 -23.49
CA LEU E 86 43.09 -20.46 -22.33
C LEU E 86 44.59 -20.60 -22.28
N ARG E 87 45.19 -20.23 -21.15
CA ARG E 87 46.61 -20.41 -20.92
C ARG E 87 46.83 -21.76 -20.23
N SER E 88 48.07 -22.00 -19.78
CA SER E 88 48.36 -23.20 -19.01
C SER E 88 47.99 -23.05 -17.54
N GLU E 89 47.62 -21.84 -17.11
CA GLU E 89 47.24 -21.59 -15.73
C GLU E 89 45.74 -21.75 -15.49
N ASP E 90 44.96 -22.02 -16.53
CA ASP E 90 43.52 -22.19 -16.39
C ASP E 90 43.10 -23.62 -16.10
N THR E 91 44.03 -24.57 -16.09
CA THR E 91 43.69 -25.95 -15.79
C THR E 91 43.33 -26.10 -14.32
N ALA E 92 42.11 -26.55 -14.05
CA ALA E 92 41.60 -26.66 -12.68
C ALA E 92 40.28 -27.39 -12.72
N MET E 93 39.78 -27.72 -11.53
CA MET E 93 38.47 -28.35 -11.35
C MET E 93 37.47 -27.24 -11.05
N TYR E 94 36.51 -27.05 -11.96
CA TYR E 94 35.57 -25.95 -11.86
C TYR E 94 34.32 -26.38 -11.12
N TYR E 95 33.93 -25.58 -10.12
CA TYR E 95 32.77 -25.87 -9.30
C TYR E 95 31.66 -24.85 -9.58
N CYS E 96 30.42 -25.28 -9.41
CA CYS E 96 29.25 -24.43 -9.59
C CYS E 96 28.56 -24.29 -8.24
N VAL E 97 28.39 -23.06 -7.78
CA VAL E 97 27.90 -22.78 -6.43
C VAL E 97 26.71 -21.83 -6.53
N ARG E 98 25.65 -22.13 -5.78
CA ARG E 98 24.48 -21.26 -5.70
C ARG E 98 24.59 -20.34 -4.51
N SER E 99 23.94 -19.18 -4.62
CA SER E 99 24.04 -18.15 -3.59
C SER E 99 22.78 -17.29 -3.63
N ILE E 100 22.02 -17.29 -2.55
CA ILE E 100 20.84 -16.44 -2.41
C ILE E 100 21.10 -15.45 -1.29
N TYR E 101 20.87 -14.17 -1.58
CA TYR E 101 21.17 -13.10 -0.64
C TYR E 101 19.90 -12.41 -0.19
N TYR E 102 19.66 -12.43 1.11
CA TYR E 102 18.69 -11.57 1.78
C TYR E 102 19.03 -11.58 3.27
N TYR E 103 18.17 -11.01 4.09
CA TYR E 103 18.45 -10.90 5.52
C TYR E 103 18.36 -12.29 6.15
N GLY E 104 19.53 -12.87 6.45
CA GLY E 104 19.57 -14.15 7.13
C GLY E 104 19.65 -15.36 6.23
N SER E 105 20.19 -15.23 5.02
CA SER E 105 20.29 -16.34 4.09
C SER E 105 21.67 -16.99 4.16
N SER E 106 21.78 -18.16 3.55
CA SER E 106 23.03 -18.93 3.51
C SER E 106 23.58 -18.90 2.09
N PRO E 107 24.54 -18.05 1.78
CA PRO E 107 24.88 -17.79 0.37
C PRO E 107 25.96 -18.66 -0.23
N PHE E 108 26.37 -19.74 0.43
CA PHE E 108 27.32 -20.65 -0.20
C PHE E 108 27.02 -22.10 0.14
N ASP E 109 25.74 -22.42 0.31
CA ASP E 109 25.35 -23.69 0.92
C ASP E 109 25.66 -24.89 0.04
N PHE E 110 25.36 -24.82 -1.26
CA PHE E 110 25.46 -25.98 -2.13
C PHE E 110 26.51 -25.77 -3.20
N TRP E 111 27.32 -26.81 -3.43
CA TRP E 111 28.40 -26.79 -4.40
C TRP E 111 28.19 -27.89 -5.42
N GLY E 112 28.64 -27.63 -6.65
CA GLY E 112 28.55 -28.61 -7.71
C GLY E 112 29.55 -29.74 -7.53
N GLN E 113 29.34 -30.79 -8.32
CA GLN E 113 30.21 -31.96 -8.23
C GLN E 113 31.60 -31.71 -8.79
N GLY E 114 31.78 -30.65 -9.58
CA GLY E 114 33.09 -30.33 -10.11
C GLY E 114 33.35 -30.95 -11.47
N THR E 115 33.89 -30.15 -12.39
CA THR E 115 34.30 -30.63 -13.71
C THR E 115 35.79 -30.33 -13.90
N THR E 116 36.50 -31.30 -14.46
CA THR E 116 37.95 -31.17 -14.62
C THR E 116 38.28 -30.67 -16.02
N LEU E 117 39.06 -29.59 -16.09
CA LEU E 117 39.51 -29.02 -17.35
C LEU E 117 41.03 -29.00 -17.37
N THR E 118 41.61 -29.52 -18.44
CA THR E 118 43.05 -29.63 -18.60
C THR E 118 43.50 -28.91 -19.85
N VAL E 119 44.60 -28.18 -19.73
CA VAL E 119 45.21 -27.47 -20.86
C VAL E 119 46.63 -28.01 -21.03
N SER E 120 46.92 -28.52 -22.22
CA SER E 120 48.25 -29.05 -22.49
C SER E 120 49.26 -27.92 -22.63
N SER E 121 50.52 -28.24 -22.40
CA SER E 121 51.61 -27.27 -22.50
C SER E 121 52.03 -27.07 -23.95
N SER E 136 45.45 -3.92 -2.45
CA SER E 136 44.26 -3.85 -3.27
C SER E 136 43.19 -4.83 -2.78
N ASP E 137 43.44 -6.12 -2.97
CA ASP E 137 42.52 -7.16 -2.55
C ASP E 137 42.78 -7.55 -1.11
N ILE E 138 41.78 -8.19 -0.51
CA ILE E 138 41.88 -8.66 0.88
C ILE E 138 42.61 -10.00 0.88
N VAL E 139 43.67 -10.09 1.67
CA VAL E 139 44.53 -11.27 1.72
C VAL E 139 44.19 -12.06 2.97
N MET E 140 43.77 -13.31 2.79
CA MET E 140 43.48 -14.21 3.89
C MET E 140 44.60 -15.24 3.99
N THR E 141 45.21 -15.35 5.16
CA THR E 141 46.34 -16.24 5.38
C THR E 141 46.00 -17.25 6.47
N GLN E 142 46.30 -18.52 6.21
CA GLN E 142 46.12 -19.58 7.18
C GLN E 142 47.49 -20.00 7.71
N ALA E 143 47.62 -20.06 9.04
CA ALA E 143 48.94 -20.23 9.65
C ALA E 143 49.55 -21.58 9.33
N THR E 144 48.77 -22.65 9.39
CA THR E 144 49.29 -24.01 9.29
C THR E 144 48.64 -24.74 8.13
N SER E 145 49.43 -25.55 7.42
CA SER E 145 48.96 -26.28 6.25
C SER E 145 48.56 -27.72 6.56
N SER E 146 49.03 -28.29 7.67
CA SER E 146 48.71 -29.67 8.00
C SER E 146 48.73 -29.85 9.52
N VAL E 147 47.66 -30.43 10.04
CA VAL E 147 47.53 -30.66 11.49
C VAL E 147 47.13 -32.11 11.74
N PRO E 148 48.03 -32.95 12.28
CA PRO E 148 47.63 -34.30 12.67
C PRO E 148 46.96 -34.30 14.04
N VAL E 149 45.95 -35.15 14.18
CA VAL E 149 45.19 -35.23 15.43
C VAL E 149 44.47 -36.57 15.47
N THR E 150 44.15 -37.05 16.69
CA THR E 150 43.43 -38.27 17.01
C THR E 150 41.96 -37.96 17.28
N PRO E 151 41.06 -38.91 17.06
CA PRO E 151 39.64 -38.66 17.31
C PRO E 151 39.36 -38.37 18.77
N GLY E 152 38.36 -37.53 19.01
CA GLY E 152 37.98 -37.14 20.36
C GLY E 152 38.72 -35.96 20.92
N GLU E 153 39.66 -35.38 20.17
CA GLU E 153 40.45 -34.24 20.62
C GLU E 153 40.01 -32.99 19.86
N SER E 154 39.77 -31.91 20.59
CA SER E 154 39.36 -30.66 19.97
C SER E 154 40.50 -30.08 19.14
N VAL E 155 40.15 -29.50 18.00
CA VAL E 155 41.11 -28.91 17.07
C VAL E 155 40.75 -27.44 16.86
N SER E 156 41.77 -26.60 16.80
CA SER E 156 41.60 -25.17 16.58
C SER E 156 42.22 -24.78 15.24
N ILE E 157 41.42 -24.14 14.38
CA ILE E 157 41.87 -23.66 13.09
C ILE E 157 41.63 -22.16 13.04
N SER E 158 42.66 -21.42 12.65
CA SER E 158 42.60 -19.96 12.66
C SER E 158 43.17 -19.41 11.37
N CYS E 159 42.58 -18.32 10.88
CA CYS E 159 43.12 -17.60 9.73
C CYS E 159 42.85 -16.11 9.90
N ARG E 160 43.80 -15.30 9.45
CA ARG E 160 43.74 -13.85 9.60
C ARG E 160 43.31 -13.20 8.29
N SER E 161 42.96 -11.91 8.39
CA SER E 161 42.59 -11.12 7.22
C SER E 161 43.32 -9.78 7.28
N SER E 162 43.57 -9.20 6.10
CA SER E 162 44.27 -7.93 6.04
C SER E 162 43.42 -6.80 6.60
N LYS E 163 42.25 -6.56 5.99
CA LYS E 163 41.33 -5.57 6.51
C LYS E 163 40.50 -6.16 7.64
N SER E 164 39.72 -5.30 8.29
CA SER E 164 38.77 -5.72 9.31
C SER E 164 37.44 -6.00 8.63
N LEU E 165 37.06 -7.27 8.56
CA LEU E 165 35.83 -7.67 7.88
C LEU E 165 34.58 -7.24 8.63
N LEU E 166 34.71 -6.80 9.88
CA LEU E 166 33.55 -6.37 10.67
C LEU E 166 32.98 -5.09 10.06
N HIS E 167 31.85 -5.22 9.37
CA HIS E 167 31.23 -4.09 8.71
C HIS E 167 30.57 -3.16 9.73
N SER E 168 30.10 -2.02 9.23
CA SER E 168 29.46 -1.04 10.10
C SER E 168 28.12 -1.53 10.65
N ASN E 169 27.49 -2.50 10.00
CA ASN E 169 26.20 -3.01 10.44
C ASN E 169 26.32 -4.13 11.46
N GLY E 170 27.53 -4.48 11.88
CA GLY E 170 27.75 -5.50 12.88
C GLY E 170 27.89 -6.92 12.35
N ASN E 171 27.69 -7.12 11.05
CA ASN E 171 27.84 -8.44 10.45
C ASN E 171 29.23 -8.58 9.88
N THR E 172 29.92 -9.65 10.26
CA THR E 172 31.26 -9.97 9.76
C THR E 172 31.15 -11.04 8.69
N TYR E 173 31.68 -10.76 7.50
CA TYR E 173 31.53 -11.65 6.35
C TYR E 173 32.73 -12.57 6.28
N LEU E 174 32.65 -13.68 7.01
CA LEU E 174 33.66 -14.74 6.97
C LEU E 174 32.96 -16.08 6.81
N TYR E 175 33.44 -16.90 5.90
CA TYR E 175 32.83 -18.18 5.59
C TYR E 175 33.84 -19.30 5.74
N TRP E 176 33.43 -20.39 6.37
CA TRP E 176 34.28 -21.55 6.60
C TRP E 176 33.74 -22.73 5.79
N PHE E 177 34.58 -23.30 4.94
CA PHE E 177 34.20 -24.39 4.06
C PHE E 177 34.99 -25.65 4.42
N LEU E 178 34.38 -26.80 4.16
CA LEU E 178 34.98 -28.10 4.42
C LEU E 178 34.99 -28.92 3.14
N GLN E 179 36.14 -29.50 2.81
CA GLN E 179 36.30 -30.33 1.62
C GLN E 179 36.85 -31.67 2.04
N ARG E 180 35.99 -32.69 2.08
CA ARG E 180 36.44 -34.05 2.29
C ARG E 180 37.23 -34.54 1.08
N PRO E 181 38.12 -35.52 1.28
CA PRO E 181 38.91 -36.02 0.15
C PRO E 181 38.01 -36.61 -0.94
N GLY E 182 38.21 -36.15 -2.17
CA GLY E 182 37.47 -36.64 -3.31
C GLY E 182 36.07 -36.10 -3.46
N GLN E 183 35.65 -35.16 -2.62
CA GLN E 183 34.31 -34.62 -2.64
C GLN E 183 34.37 -33.12 -2.94
N SER E 184 33.20 -32.46 -2.86
CA SER E 184 33.06 -31.04 -3.09
C SER E 184 32.94 -30.29 -1.77
N PRO E 185 33.40 -29.04 -1.73
CA PRO E 185 33.33 -28.28 -0.47
C PRO E 185 31.90 -28.07 0.00
N GLN E 186 31.74 -28.06 1.33
CA GLN E 186 30.46 -27.82 1.96
C GLN E 186 30.60 -26.70 2.99
N LEU E 187 29.58 -25.85 3.07
CA LEU E 187 29.61 -24.72 3.98
C LEU E 187 29.31 -25.17 5.41
N LEU E 188 30.03 -24.60 6.37
CA LEU E 188 29.83 -24.90 7.79
C LEU E 188 29.31 -23.70 8.56
N ILE E 189 30.02 -22.57 8.50
CA ILE E 189 29.64 -21.34 9.17
C ILE E 189 29.71 -20.21 8.17
N TYR E 190 28.71 -19.33 8.15
CA TYR E 190 28.67 -18.33 7.10
C TYR E 190 28.95 -16.89 7.52
N ARG E 191 28.76 -16.50 8.79
CA ARG E 191 29.25 -15.19 9.21
C ARG E 191 30.26 -15.25 10.34
N MET E 192 29.87 -15.66 11.55
CA MET E 192 30.87 -15.87 12.60
C MET E 192 30.65 -17.17 13.38
N SER E 193 29.39 -17.52 13.65
CA SER E 193 29.06 -18.76 14.34
C SER E 193 27.75 -19.33 13.83
N ASN E 194 27.15 -18.74 12.80
CA ASN E 194 25.86 -19.16 12.28
C ASN E 194 26.03 -20.52 11.62
N LEU E 195 25.56 -21.56 12.29
CA LEU E 195 25.71 -22.91 11.79
C LEU E 195 24.91 -23.11 10.51
N ALA E 196 25.51 -23.82 9.56
CA ALA E 196 24.83 -24.11 8.32
C ALA E 196 23.71 -25.13 8.55
N SER E 197 22.99 -25.45 7.50
CA SER E 197 21.85 -26.36 7.58
C SER E 197 22.32 -27.79 7.42
N GLY E 198 22.17 -28.60 8.48
CA GLY E 198 22.45 -30.02 8.42
C GLY E 198 23.80 -30.43 8.95
N VAL E 199 24.72 -29.50 9.17
CA VAL E 199 26.05 -29.84 9.68
C VAL E 199 25.93 -30.11 11.17
N PRO E 200 26.80 -30.95 11.76
CA PRO E 200 26.70 -31.25 13.18
C PRO E 200 26.92 -30.02 14.04
N ASP E 201 26.29 -30.01 15.22
CA ASP E 201 26.36 -28.88 16.13
C ASP E 201 27.69 -28.77 16.87
N ARG E 202 28.58 -29.76 16.72
CA ARG E 202 29.86 -29.70 17.40
C ARG E 202 30.72 -28.55 16.91
N PHE E 203 30.48 -28.08 15.68
CA PHE E 203 31.21 -26.95 15.14
C PHE E 203 30.87 -25.67 15.89
N SER E 204 31.87 -24.79 16.00
CA SER E 204 31.66 -23.47 16.57
C SER E 204 32.73 -22.53 16.03
N GLY E 205 32.33 -21.31 15.76
CA GLY E 205 33.24 -20.32 15.19
C GLY E 205 33.23 -19.04 16.00
N SER E 206 34.35 -18.33 15.95
CA SER E 206 34.49 -17.07 16.66
C SER E 206 35.39 -16.16 15.83
N GLY E 207 35.75 -15.03 16.41
CA GLY E 207 36.62 -14.07 15.74
C GLY E 207 36.33 -12.67 16.22
N SER E 208 37.27 -11.76 15.94
CA SER E 208 37.15 -10.37 16.36
C SER E 208 37.94 -9.50 15.37
N GLY E 209 37.24 -8.91 14.42
CA GLY E 209 37.85 -7.96 13.51
C GLY E 209 38.69 -8.56 12.41
N THR E 210 39.86 -9.09 12.76
CA THR E 210 40.78 -9.65 11.79
C THR E 210 41.27 -11.06 12.12
N ALA E 211 41.21 -11.49 13.37
CA ALA E 211 41.63 -12.83 13.76
C ALA E 211 40.40 -13.68 14.05
N PHE E 212 40.31 -14.84 13.39
CA PHE E 212 39.16 -15.71 13.49
C PHE E 212 39.62 -17.13 13.82
N THR E 213 38.75 -17.87 14.49
CA THR E 213 39.08 -19.22 14.95
C THR E 213 37.91 -20.15 14.76
N LEU E 214 38.19 -21.37 14.31
CA LEU E 214 37.20 -22.44 14.21
C LEU E 214 37.61 -23.57 15.13
N THR E 215 36.67 -24.04 15.95
CA THR E 215 36.91 -25.12 16.90
C THR E 215 35.93 -26.26 16.65
N ILE E 216 36.42 -27.48 16.74
CA ILE E 216 35.62 -28.69 16.53
C ILE E 216 35.78 -29.56 17.77
N SER E 217 34.74 -29.61 18.60
CA SER E 217 34.74 -30.45 19.78
C SER E 217 34.29 -31.86 19.43
N ARG E 218 34.98 -32.85 19.99
CA ARG E 218 34.68 -34.27 19.77
C ARG E 218 34.74 -34.60 18.28
N LEU E 219 35.94 -34.46 17.72
CA LEU E 219 36.15 -34.69 16.30
C LEU E 219 35.87 -36.14 15.94
N GLU E 220 35.30 -36.35 14.76
CA GLU E 220 34.98 -37.68 14.25
C GLU E 220 35.89 -38.04 13.10
N ALA E 221 35.86 -39.32 12.72
CA ALA E 221 36.71 -39.81 11.64
C ALA E 221 36.28 -39.31 10.27
N GLU E 222 35.00 -38.96 10.11
CA GLU E 222 34.50 -38.44 8.84
C GLU E 222 34.74 -36.95 8.68
N ASP E 223 35.42 -36.31 9.64
CA ASP E 223 35.59 -34.87 9.68
C ASP E 223 36.92 -34.41 9.08
N VAL E 224 37.77 -35.34 8.63
CA VAL E 224 39.06 -34.95 8.09
C VAL E 224 38.89 -34.33 6.71
N GLY E 225 39.79 -33.42 6.36
CA GLY E 225 39.72 -32.74 5.08
C GLY E 225 40.52 -31.45 5.11
N VAL E 226 40.21 -30.58 4.16
CA VAL E 226 40.85 -29.28 4.02
C VAL E 226 39.82 -28.20 4.35
N TYR E 227 40.19 -27.27 5.23
CA TYR E 227 39.29 -26.24 5.73
C TYR E 227 39.67 -24.90 5.11
N TYR E 228 38.75 -24.30 4.37
CA TYR E 228 38.99 -23.04 3.68
C TYR E 228 38.18 -21.94 4.34
N CYS E 229 38.80 -20.79 4.57
CA CYS E 229 38.11 -19.60 5.06
C CYS E 229 38.12 -18.53 3.98
N MET E 230 36.95 -17.99 3.68
CA MET E 230 36.76 -17.05 2.58
C MET E 230 36.06 -15.80 3.10
N GLN E 231 36.43 -14.65 2.54
CA GLN E 231 35.81 -13.38 2.89
C GLN E 231 34.83 -12.96 1.80
N HIS E 232 33.70 -12.40 2.20
CA HIS E 232 32.68 -11.92 1.27
C HIS E 232 32.42 -10.43 1.43
N LEU E 233 33.32 -9.71 2.08
CA LEU E 233 33.09 -8.29 2.33
C LEU E 233 33.07 -7.49 1.04
N GLU E 234 33.97 -7.78 0.11
CA GLU E 234 34.07 -7.01 -1.12
C GLU E 234 34.72 -7.86 -2.19
N TYR E 235 34.24 -7.74 -3.43
CA TYR E 235 34.78 -8.51 -4.52
C TYR E 235 36.16 -7.97 -4.92
N PRO E 236 37.05 -8.84 -5.42
CA PRO E 236 36.87 -10.28 -5.66
C PRO E 236 36.99 -11.11 -4.39
N LEU E 237 36.18 -12.16 -4.28
CA LEU E 237 36.26 -13.03 -3.11
C LEU E 237 37.58 -13.79 -3.10
N THR E 238 38.20 -13.88 -1.93
CA THR E 238 39.50 -14.51 -1.79
C THR E 238 39.42 -15.61 -0.75
N PHE E 239 40.04 -16.74 -1.06
CA PHE E 239 40.09 -17.89 -0.16
C PHE E 239 41.42 -17.96 0.55
N GLY E 240 41.45 -18.74 1.64
CA GLY E 240 42.69 -18.96 2.36
C GLY E 240 43.56 -20.00 1.70
N ALA E 241 44.75 -20.18 2.27
CA ALA E 241 45.68 -21.18 1.75
C ALA E 241 45.10 -22.58 1.88
N GLY E 242 44.47 -22.88 3.01
CA GLY E 242 43.87 -24.18 3.23
C GLY E 242 44.60 -25.01 4.27
N THR E 243 43.91 -25.33 5.37
CA THR E 243 44.46 -26.14 6.43
C THR E 243 43.91 -27.56 6.33
N LYS E 244 44.82 -28.53 6.27
CA LYS E 244 44.46 -29.93 6.12
C LYS E 244 44.57 -30.65 7.45
N LEU E 245 43.56 -31.45 7.77
CA LEU E 245 43.55 -32.25 8.98
C LEU E 245 44.06 -33.65 8.67
N GLU E 246 44.97 -34.15 9.50
CA GLU E 246 45.57 -35.46 9.31
C GLU E 246 45.18 -36.39 10.45
N LEU E 247 45.09 -37.67 10.14
CA LEU E 247 44.70 -38.67 11.11
C LEU E 247 45.60 -39.91 11.01
#